data_7TNY
#
_entry.id   7TNY
#
_cell.length_a   1.00
_cell.length_b   1.00
_cell.length_c   1.00
_cell.angle_alpha   90.00
_cell.angle_beta   90.00
_cell.angle_gamma   90.00
#
_symmetry.space_group_name_H-M   'P 1'
#
loop_
_entity.id
_entity.type
_entity.pdbx_description
1 polymer 'Antiviral innate immune response receptor RIG-I'
2 polymer p2dsRNA
3 non-polymer 'ZINC ION'
#
loop_
_entity_poly.entity_id
_entity_poly.type
_entity_poly.pdbx_seq_one_letter_code
_entity_poly.pdbx_strand_id
1 'polypeptide(L)'
;MTTEQRRSLQAFQDYIRKTLDPTYILSYMAPWFREEEVQYIQAEKNNKGPMEAATLFLKFLLELQEEGWFRGFLDALDHA
GYSGLYEAIESWDFKKIEKLEEYRLLLKRLQPEFKTRIIPTDIISDLSECLINQECEEILQICSTKGMMAGAEKLVECLL
RSDKENWPKTLKLALEKERNKFSELWIVEKGIKDVETEDLEDKMETSDIQIFYQEDPECQNLSENSCPPSEVSDTNLYSP
FKPRNYQLELALPAMKGKNTIICAPTGCGKTFVSLLICEHHLKKFPQGQKGKVVFFANQIPVYEQQKSVFSKYFERHGYR
VTGISGATAENVPVEQIVENNDIIILTPQILVNNLKKGTIPSLSIFTLMIFDECHNTSKQHPYNMIMFNYLDQKLGGSSG
PLPQVIGLTASVGVGDAKNTDEALDYICKLCASLDASVIATVKHNLEELEQVVYKPQKFFRKVESRISDKFKYIIAQLMR
DTESLAKRICKDLENLSQIQNREFGTQKYEQWIVTVQKACMVFQMPDKDEESRICKALFLYTSHLRKYNDALIISEHARM
KDALDYLKDFFSNVRAAGFDEIEQDLTQRFEEKLQELESVSRDPSNENPKLEDLCFILQEEYHLNPETITILFVKTRALV
DALKNWIEGNPKLSFLKPGILTGRGKTNQNTGMTLPAQKCILDAFKASGDHNILIATSVADEGIDIAQCNLVILYEYVGN
VIKMIQTRGRGRARGSKCFLLTSNAGVIEKEQINMYKEKMMNDSILRLQTWDEAVFREKILHIQTHEKFIRDSQEKPKPV
PDKENKKLLCRKCKALACYTADVRVIEECHYTVLGDAFKECFVSRPHPKPKQFSSFEKRAKIFCARQNCSHDWGIHVKYK
TFEIPVIKIESFVVEDIATGVQTLYSKWKDFHFEKIPFDPAEMSK
;
A
2 'polyribonucleotide' (GDP)GACGUACGUCGCGACGUACGUCC B,C
#
# COMPACT_ATOMS: atom_id res chain seq x y z
N PHE A 241 -32.70 5.19 -7.36
CA PHE A 241 -34.11 4.80 -7.64
C PHE A 241 -34.29 4.51 -9.13
N LYS A 242 -35.34 3.75 -9.44
CA LYS A 242 -35.71 3.37 -10.83
C LYS A 242 -34.54 2.68 -11.51
N PRO A 243 -34.25 1.41 -11.12
CA PRO A 243 -33.12 0.69 -11.71
C PRO A 243 -33.23 0.58 -13.24
N ARG A 244 -32.20 1.06 -13.93
CA ARG A 244 -32.17 1.12 -15.41
C ARG A 244 -31.98 -0.29 -15.98
N ASN A 245 -32.11 -0.40 -17.30
CA ASN A 245 -32.05 -1.69 -18.03
C ASN A 245 -30.68 -2.33 -17.90
N TYR A 246 -29.60 -1.55 -18.00
CA TYR A 246 -28.23 -2.12 -18.00
C TYR A 246 -27.93 -2.76 -16.64
N GLN A 247 -28.24 -2.06 -15.56
CA GLN A 247 -27.97 -2.59 -14.19
C GLN A 247 -29.06 -3.57 -13.77
N LEU A 248 -30.17 -3.65 -14.49
CA LEU A 248 -31.18 -4.72 -14.22
C LEU A 248 -30.73 -6.02 -14.90
N GLU A 249 -30.18 -5.91 -16.11
CA GLU A 249 -29.69 -7.10 -16.87
C GLU A 249 -28.36 -7.58 -16.30
N LEU A 250 -27.52 -6.69 -15.76
CA LEU A 250 -26.18 -7.10 -15.26
C LEU A 250 -26.32 -7.98 -14.01
N ALA A 251 -27.42 -7.89 -13.28
CA ALA A 251 -27.63 -8.65 -12.03
C ALA A 251 -28.51 -9.88 -12.26
N LEU A 252 -28.72 -10.29 -13.52
CA LEU A 252 -29.64 -11.43 -13.81
C LEU A 252 -28.97 -12.74 -13.44
N PRO A 253 -27.71 -13.04 -13.85
CA PRO A 253 -27.08 -14.30 -13.46
C PRO A 253 -26.91 -14.44 -11.95
N ALA A 254 -26.64 -13.35 -11.23
CA ALA A 254 -26.51 -13.38 -9.75
C ALA A 254 -27.87 -13.68 -9.13
N MET A 255 -28.94 -13.10 -9.64
CA MET A 255 -30.30 -13.34 -9.12
C MET A 255 -30.76 -14.77 -9.47
N LYS A 256 -30.24 -15.35 -10.55
CA LYS A 256 -30.63 -16.73 -10.95
C LYS A 256 -30.08 -17.76 -9.96
N GLY A 257 -29.03 -17.43 -9.21
CA GLY A 257 -28.46 -18.34 -8.20
C GLY A 257 -27.10 -18.87 -8.63
N LYS A 258 -26.31 -18.05 -9.31
CA LYS A 258 -24.95 -18.44 -9.75
C LYS A 258 -23.93 -17.47 -9.17
N ASN A 259 -22.74 -17.98 -8.89
CA ASN A 259 -21.60 -17.15 -8.44
C ASN A 259 -21.11 -16.33 -9.63
N THR A 260 -21.14 -15.01 -9.51
CA THR A 260 -20.86 -14.12 -10.65
C THR A 260 -19.69 -13.19 -10.31
N ILE A 261 -19.03 -12.70 -11.35
CA ILE A 261 -17.86 -11.79 -11.24
C ILE A 261 -18.23 -10.47 -11.91
N ILE A 262 -19.45 -10.00 -11.67
CA ILE A 262 -20.05 -8.82 -12.35
C ILE A 262 -18.99 -7.71 -12.47
N CYS A 263 -18.81 -7.20 -13.69
CA CYS A 263 -17.77 -6.18 -13.99
C CYS A 263 -18.48 -4.93 -14.52
N ALA A 264 -18.69 -3.95 -13.65
CA ALA A 264 -19.33 -2.66 -14.01
C ALA A 264 -18.35 -1.54 -13.74
N PRO A 265 -18.05 -0.69 -14.75
CA PRO A 265 -17.12 0.43 -14.54
C PRO A 265 -17.74 1.66 -13.85
N THR A 266 -18.99 1.56 -13.38
CA THR A 266 -19.67 2.68 -12.70
C THR A 266 -19.50 2.57 -11.19
N GLY A 267 -19.72 3.69 -10.49
CA GLY A 267 -19.67 3.76 -9.03
C GLY A 267 -21.01 3.45 -8.39
N CYS A 268 -22.06 4.11 -8.86
CA CYS A 268 -23.44 3.94 -8.35
C CYS A 268 -24.05 2.65 -8.92
N GLY A 269 -23.64 2.25 -10.13
CA GLY A 269 -24.19 1.05 -10.80
C GLY A 269 -23.92 -0.20 -10.00
N LYS A 270 -22.68 -0.37 -9.54
CA LYS A 270 -22.30 -1.56 -8.74
C LYS A 270 -23.09 -1.55 -7.43
N THR A 271 -23.23 -0.39 -6.81
CA THR A 271 -23.96 -0.29 -5.51
C THR A 271 -25.42 -0.69 -5.72
N PHE A 272 -26.06 -0.16 -6.76
CA PHE A 272 -27.49 -0.48 -7.01
C PHE A 272 -27.64 -1.95 -7.39
N VAL A 273 -26.70 -2.49 -8.15
CA VAL A 273 -26.74 -3.93 -8.54
C VAL A 273 -26.64 -4.79 -7.28
N SER A 274 -25.71 -4.47 -6.38
CA SER A 274 -25.53 -5.22 -5.11
C SER A 274 -26.81 -5.10 -4.27
N LEU A 275 -27.40 -3.91 -4.22
CA LEU A 275 -28.65 -3.71 -3.43
C LEU A 275 -29.77 -4.58 -4.01
N LEU A 276 -29.94 -4.57 -5.32
CA LEU A 276 -31.00 -5.40 -5.97
C LEU A 276 -30.72 -6.88 -5.72
N ILE A 277 -29.46 -7.29 -5.74
CA ILE A 277 -29.11 -8.72 -5.53
C ILE A 277 -29.44 -9.11 -4.09
N CYS A 278 -29.06 -8.29 -3.11
CA CYS A 278 -29.36 -8.57 -1.69
C CYS A 278 -30.89 -8.59 -1.50
N GLU A 279 -31.62 -7.71 -2.18
CA GLU A 279 -33.09 -7.67 -2.06
C GLU A 279 -33.68 -8.97 -2.59
N HIS A 280 -33.28 -9.37 -3.79
CA HIS A 280 -33.80 -10.61 -4.44
C HIS A 280 -33.36 -11.84 -3.64
N HIS A 281 -32.25 -11.76 -2.91
CA HIS A 281 -31.76 -12.92 -2.12
C HIS A 281 -32.55 -13.04 -0.82
N LEU A 282 -32.72 -11.93 -0.11
CA LEU A 282 -33.45 -11.93 1.19
C LEU A 282 -34.96 -11.98 0.95
N LYS A 283 -35.44 -11.88 -0.30
CA LYS A 283 -36.89 -11.94 -0.59
C LYS A 283 -37.31 -13.30 -1.17
N LYS A 284 -36.37 -14.13 -1.61
CA LYS A 284 -36.71 -15.43 -2.24
C LYS A 284 -36.70 -16.56 -1.19
N PHE A 285 -36.59 -16.24 0.09
CA PHE A 285 -36.59 -17.29 1.14
C PHE A 285 -38.02 -17.57 1.57
N PRO A 286 -38.36 -18.84 1.85
CA PRO A 286 -39.70 -19.18 2.34
C PRO A 286 -39.94 -18.73 3.78
N GLN A 287 -41.13 -19.03 4.29
CA GLN A 287 -41.53 -18.66 5.67
C GLN A 287 -40.64 -19.40 6.68
N GLY A 288 -40.24 -18.70 7.73
CA GLY A 288 -39.41 -19.26 8.82
C GLY A 288 -37.93 -19.08 8.54
N GLN A 289 -37.44 -19.63 7.42
CA GLN A 289 -36.00 -19.52 7.07
C GLN A 289 -35.66 -18.07 6.74
N LYS A 290 -34.50 -17.62 7.20
CA LYS A 290 -34.04 -16.24 6.96
C LYS A 290 -32.65 -16.28 6.33
N GLY A 291 -32.40 -15.35 5.42
CA GLY A 291 -31.11 -15.19 4.73
C GLY A 291 -30.08 -14.46 5.57
N LYS A 292 -28.86 -14.45 5.08
CA LYS A 292 -27.75 -13.73 5.74
C LYS A 292 -26.70 -13.41 4.70
N VAL A 293 -26.48 -12.12 4.47
CA VAL A 293 -25.52 -11.65 3.43
C VAL A 293 -24.36 -10.94 4.13
N VAL A 294 -23.24 -10.85 3.43
CA VAL A 294 -22.06 -10.12 3.92
C VAL A 294 -21.41 -9.41 2.74
N PHE A 295 -21.17 -8.11 2.90
CA PHE A 295 -20.54 -7.26 1.87
C PHE A 295 -19.10 -6.99 2.31
N PHE A 296 -18.15 -7.57 1.61
CA PHE A 296 -16.71 -7.48 1.98
C PHE A 296 -16.15 -6.18 1.45
N ALA A 297 -16.20 -5.13 2.29
CA ALA A 297 -15.61 -3.83 1.97
C ALA A 297 -14.13 -3.87 2.34
N ASN A 298 -13.28 -3.35 1.47
CA ASN A 298 -11.82 -3.43 1.65
C ASN A 298 -11.29 -2.23 2.43
N GLN A 299 -11.92 -1.06 2.30
CA GLN A 299 -11.44 0.18 2.95
C GLN A 299 -12.50 0.70 3.93
N ILE A 300 -12.04 1.52 4.87
CA ILE A 300 -12.91 2.08 5.94
C ILE A 300 -13.90 3.08 5.34
N PRO A 301 -13.49 4.03 4.46
CA PRO A 301 -14.45 4.91 3.83
C PRO A 301 -15.53 4.17 3.01
N VAL A 302 -15.11 3.17 2.24
CA VAL A 302 -16.05 2.38 1.40
C VAL A 302 -17.00 1.62 2.33
N TYR A 303 -16.49 1.11 3.44
CA TYR A 303 -17.32 0.35 4.40
C TYR A 303 -18.35 1.30 5.03
N GLU A 304 -17.91 2.49 5.45
CA GLU A 304 -18.80 3.47 6.11
C GLU A 304 -19.85 3.97 5.12
N GLN A 305 -19.51 4.04 3.84
CA GLN A 305 -20.47 4.49 2.80
C GLN A 305 -21.48 3.36 2.55
N GLN A 306 -21.00 2.14 2.36
CA GLN A 306 -21.89 1.00 2.02
C GLN A 306 -22.83 0.68 3.19
N LYS A 307 -22.35 0.81 4.43
CA LYS A 307 -23.21 0.55 5.61
C LYS A 307 -24.38 1.54 5.61
N SER A 308 -24.10 2.82 5.43
CA SER A 308 -25.15 3.88 5.41
C SER A 308 -26.08 3.64 4.21
N VAL A 309 -25.53 3.27 3.07
CA VAL A 309 -26.36 3.04 1.86
C VAL A 309 -27.32 1.88 2.13
N PHE A 310 -26.82 0.78 2.68
CA PHE A 310 -27.67 -0.41 2.97
C PHE A 310 -28.71 -0.06 4.04
N SER A 311 -28.32 0.71 5.05
CA SER A 311 -29.25 1.10 6.15
C SER A 311 -30.37 1.98 5.59
N LYS A 312 -30.05 2.85 4.64
CA LYS A 312 -31.08 3.75 4.05
C LYS A 312 -31.92 2.97 3.04
N TYR A 313 -31.37 1.94 2.41
CA TYR A 313 -32.10 1.18 1.37
C TYR A 313 -33.07 0.20 2.03
N PHE A 314 -32.59 -0.60 2.97
CA PHE A 314 -33.43 -1.62 3.65
C PHE A 314 -33.93 -1.06 4.98
N GLU A 315 -34.76 -0.02 4.91
CA GLU A 315 -35.36 0.59 6.13
C GLU A 315 -36.81 0.13 6.31
N ARG A 316 -37.56 0.02 5.24
CA ARG A 316 -38.97 -0.46 5.30
C ARG A 316 -39.00 -1.97 4.97
N HIS A 317 -38.14 -2.74 5.62
CA HIS A 317 -38.06 -4.20 5.38
C HIS A 317 -37.93 -5.01 6.66
N GLY A 318 -37.56 -4.40 7.79
CA GLY A 318 -37.27 -5.14 9.04
C GLY A 318 -36.02 -5.99 8.91
N TYR A 319 -35.00 -5.48 8.21
CA TYR A 319 -33.70 -6.17 8.05
C TYR A 319 -32.66 -5.48 8.90
N ARG A 320 -32.07 -6.22 9.82
CA ARG A 320 -30.99 -5.70 10.68
C ARG A 320 -29.75 -5.46 9.82
N VAL A 321 -29.32 -4.21 9.73
CA VAL A 321 -28.14 -3.82 8.91
C VAL A 321 -27.15 -3.15 9.85
N THR A 322 -26.13 -3.90 10.26
CA THR A 322 -25.04 -3.39 11.11
C THR A 322 -23.71 -3.57 10.38
N GLY A 323 -22.61 -3.26 11.07
CA GLY A 323 -21.27 -3.37 10.49
C GLY A 323 -20.18 -3.50 11.53
N ILE A 324 -19.18 -4.33 11.24
CA ILE A 324 -18.01 -4.49 12.14
C ILE A 324 -16.80 -3.80 11.50
N SER A 325 -15.86 -3.38 12.32
CA SER A 325 -14.61 -2.76 11.86
C SER A 325 -13.51 -3.01 12.89
N GLY A 326 -12.38 -2.32 12.73
CA GLY A 326 -11.22 -2.40 13.64
C GLY A 326 -11.48 -1.75 14.98
N ALA A 327 -12.41 -0.81 15.08
CA ALA A 327 -12.71 -0.08 16.33
C ALA A 327 -13.90 -0.71 17.07
N THR A 328 -14.71 -1.51 16.40
CA THR A 328 -15.94 -2.11 16.99
C THR A 328 -15.74 -3.58 17.32
N ALA A 329 -14.65 -4.21 16.84
CA ALA A 329 -14.37 -5.64 17.09
C ALA A 329 -14.02 -5.88 18.56
N GLU A 330 -13.73 -4.84 19.33
CA GLU A 330 -13.36 -4.98 20.76
C GLU A 330 -14.56 -5.53 21.53
N ASN A 331 -15.65 -4.78 21.56
CA ASN A 331 -16.92 -5.21 22.22
C ASN A 331 -17.78 -5.91 21.17
N VAL A 332 -19.03 -6.19 21.52
CA VAL A 332 -20.09 -6.74 20.61
C VAL A 332 -19.49 -7.88 19.80
N PRO A 333 -19.28 -9.08 20.42
CA PRO A 333 -18.62 -10.17 19.71
C PRO A 333 -19.25 -10.48 18.34
N VAL A 334 -18.39 -10.80 17.39
CA VAL A 334 -18.79 -10.98 15.97
C VAL A 334 -19.74 -12.17 15.85
N GLU A 335 -19.61 -13.17 16.71
CA GLU A 335 -20.53 -14.33 16.69
C GLU A 335 -21.96 -13.85 16.97
N GLN A 336 -22.15 -13.08 18.04
CA GLN A 336 -23.49 -12.54 18.40
C GLN A 336 -23.92 -11.50 17.35
N ILE A 337 -22.97 -10.82 16.70
CA ILE A 337 -23.33 -9.85 15.63
C ILE A 337 -23.94 -10.61 14.45
N VAL A 338 -23.31 -11.69 14.02
CA VAL A 338 -23.78 -12.44 12.82
C VAL A 338 -25.05 -13.21 13.20
N GLU A 339 -25.15 -13.68 14.44
CA GLU A 339 -26.32 -14.50 14.87
C GLU A 339 -27.54 -13.61 15.12
N ASN A 340 -27.42 -12.28 15.05
CA ASN A 340 -28.56 -11.37 15.35
C ASN A 340 -28.78 -10.34 14.24
N ASN A 341 -28.01 -10.36 13.16
CA ASN A 341 -28.16 -9.39 12.05
C ASN A 341 -28.29 -10.14 10.72
N ASP A 342 -29.01 -9.56 9.78
CA ASP A 342 -29.25 -10.16 8.44
C ASP A 342 -28.26 -9.62 7.41
N ILE A 343 -27.78 -8.39 7.59
CA ILE A 343 -26.82 -7.79 6.62
C ILE A 343 -25.62 -7.27 7.40
N ILE A 344 -24.51 -7.97 7.30
CA ILE A 344 -23.23 -7.57 7.97
C ILE A 344 -22.29 -6.99 6.91
N ILE A 345 -21.63 -5.90 7.26
CA ILE A 345 -20.62 -5.26 6.39
C ILE A 345 -19.36 -5.08 7.22
N LEU A 346 -18.39 -5.94 6.98
CA LEU A 346 -17.13 -5.95 7.74
C LEU A 346 -15.95 -6.03 6.79
N THR A 347 -14.89 -5.31 7.13
CA THR A 347 -13.63 -5.42 6.37
C THR A 347 -13.14 -6.82 6.63
N PRO A 348 -12.73 -7.55 5.58
CA PRO A 348 -12.42 -8.97 5.68
C PRO A 348 -11.49 -9.41 6.83
N GLN A 349 -10.32 -8.78 6.95
CA GLN A 349 -9.32 -9.15 7.98
C GLN A 349 -10.01 -9.59 9.27
N ILE A 350 -11.10 -8.94 9.66
CA ILE A 350 -11.86 -9.34 10.87
C ILE A 350 -12.38 -10.76 10.71
N LEU A 351 -13.01 -11.07 9.59
CA LEU A 351 -13.57 -12.42 9.38
C LEU A 351 -12.43 -13.42 9.27
N VAL A 352 -11.30 -13.03 8.70
CA VAL A 352 -10.13 -13.94 8.59
C VAL A 352 -9.65 -14.30 10.01
N ASN A 353 -9.46 -13.29 10.85
CA ASN A 353 -9.00 -13.51 12.24
C ASN A 353 -10.02 -14.37 12.99
N ASN A 354 -11.30 -14.14 12.74
CA ASN A 354 -12.38 -14.94 13.40
C ASN A 354 -12.29 -16.39 12.97
N LEU A 355 -12.30 -16.65 11.66
CA LEU A 355 -12.21 -18.03 11.13
C LEU A 355 -10.91 -18.69 11.62
N LYS A 356 -9.87 -17.90 11.87
CA LYS A 356 -8.57 -18.46 12.30
C LYS A 356 -8.64 -18.88 13.76
N LYS A 357 -8.97 -17.95 14.66
CA LYS A 357 -8.76 -18.20 16.12
C LYS A 357 -9.87 -19.06 16.70
N GLY A 358 -11.09 -18.51 16.81
CA GLY A 358 -12.16 -19.15 17.61
C GLY A 358 -13.53 -19.10 16.96
N THR A 359 -13.74 -18.26 15.97
CA THR A 359 -15.12 -17.91 15.55
C THR A 359 -15.41 -18.44 14.15
N ILE A 360 -16.70 -18.58 13.85
CA ILE A 360 -17.19 -19.01 12.50
C ILE A 360 -16.51 -20.33 12.13
N PRO A 361 -16.93 -21.46 12.73
CA PRO A 361 -16.35 -22.76 12.37
C PRO A 361 -16.47 -23.08 10.87
N SER A 362 -17.48 -22.53 10.21
CA SER A 362 -17.69 -22.70 8.76
C SER A 362 -18.47 -21.51 8.22
N LEU A 363 -18.29 -21.23 6.93
CA LEU A 363 -18.99 -20.11 6.26
C LEU A 363 -20.44 -20.49 5.93
N SER A 364 -20.87 -21.71 6.23
CA SER A 364 -22.26 -22.16 5.94
C SER A 364 -23.29 -21.29 6.65
N ILE A 365 -22.89 -20.54 7.67
CA ILE A 365 -23.80 -19.59 8.38
C ILE A 365 -24.23 -18.49 7.41
N PHE A 366 -23.40 -18.15 6.44
CA PHE A 366 -23.74 -17.10 5.46
C PHE A 366 -24.46 -17.72 4.26
N THR A 367 -25.21 -16.89 3.55
CA THR A 367 -25.90 -17.29 2.30
C THR A 367 -25.53 -16.38 1.13
N LEU A 368 -24.71 -15.36 1.35
CA LEU A 368 -24.27 -14.45 0.26
C LEU A 368 -22.99 -13.74 0.68
N MET A 369 -21.99 -13.74 -0.18
CA MET A 369 -20.61 -13.30 0.17
C MET A 369 -20.14 -12.25 -0.83
N ILE A 370 -20.91 -11.18 -0.97
CA ILE A 370 -20.64 -10.17 -2.03
C ILE A 370 -19.26 -9.56 -1.79
N PHE A 371 -18.30 -9.89 -2.65
CA PHE A 371 -16.91 -9.41 -2.52
C PHE A 371 -16.76 -8.11 -3.32
N ASP A 372 -16.72 -6.99 -2.62
CA ASP A 372 -16.48 -5.68 -3.27
C ASP A 372 -15.05 -5.63 -3.79
N GLU A 373 -14.90 -5.30 -5.07
CA GLU A 373 -13.58 -5.21 -5.75
C GLU A 373 -12.87 -6.55 -5.65
N CYS A 374 -13.45 -7.58 -6.26
CA CYS A 374 -12.92 -8.95 -6.21
C CYS A 374 -11.62 -9.08 -7.00
N HIS A 375 -11.28 -8.09 -7.83
CA HIS A 375 -10.04 -8.14 -8.63
C HIS A 375 -8.81 -8.15 -7.72
N ASN A 376 -8.95 -7.75 -6.45
CA ASN A 376 -7.85 -7.80 -5.47
C ASN A 376 -7.62 -9.23 -4.97
N THR A 377 -8.37 -10.21 -5.46
CA THR A 377 -8.17 -11.62 -5.07
C THR A 377 -6.86 -12.12 -5.69
N SER A 378 -5.78 -12.05 -4.94
CA SER A 378 -4.43 -12.43 -5.40
C SER A 378 -3.73 -13.17 -4.26
N LYS A 379 -2.45 -13.45 -4.42
CA LYS A 379 -1.67 -14.22 -3.43
C LYS A 379 -1.77 -13.59 -2.03
N GLN A 380 -2.12 -14.40 -1.04
CA GLN A 380 -2.11 -14.08 0.41
C GLN A 380 -3.00 -12.87 0.74
N HIS A 381 -3.91 -12.49 -0.15
CA HIS A 381 -4.89 -11.42 0.14
C HIS A 381 -5.87 -11.93 1.18
N PRO A 382 -6.47 -11.07 2.02
CA PRO A 382 -7.54 -11.49 2.91
C PRO A 382 -8.75 -12.10 2.17
N TYR A 383 -9.12 -11.54 1.03
CA TYR A 383 -10.14 -12.16 0.15
C TYR A 383 -9.72 -13.56 -0.24
N ASN A 384 -8.44 -13.74 -0.56
CA ASN A 384 -7.89 -15.05 -0.94
C ASN A 384 -7.91 -16.00 0.25
N MET A 385 -7.67 -15.52 1.47
CA MET A 385 -7.71 -16.39 2.66
C MET A 385 -9.16 -16.83 2.93
N ILE A 386 -10.11 -15.92 2.76
CA ILE A 386 -11.56 -16.27 2.92
C ILE A 386 -11.92 -17.31 1.85
N MET A 387 -11.49 -17.09 0.62
CA MET A 387 -11.80 -18.03 -0.48
C MET A 387 -11.08 -19.37 -0.27
N PHE A 388 -9.91 -19.39 0.35
CA PHE A 388 -9.22 -20.66 0.66
C PHE A 388 -9.98 -21.41 1.74
N ASN A 389 -10.42 -20.71 2.77
CA ASN A 389 -11.24 -21.33 3.84
C ASN A 389 -12.54 -21.86 3.26
N TYR A 390 -13.07 -21.20 2.23
CA TYR A 390 -14.31 -21.65 1.56
C TYR A 390 -14.01 -22.89 0.71
N LEU A 391 -12.95 -22.86 -0.09
CA LEU A 391 -12.63 -23.96 -1.03
C LEU A 391 -12.20 -25.20 -0.26
N ASP A 392 -11.59 -25.05 0.91
CA ASP A 392 -11.22 -26.23 1.74
C ASP A 392 -12.49 -27.00 2.11
N GLN A 393 -13.49 -26.33 2.64
CA GLN A 393 -14.78 -26.96 3.01
C GLN A 393 -15.51 -27.43 1.74
N LYS A 394 -15.34 -26.74 0.61
CA LYS A 394 -16.04 -27.13 -0.63
C LYS A 394 -15.47 -28.45 -1.17
N LEU A 395 -14.16 -28.57 -1.23
CA LEU A 395 -13.50 -29.75 -1.87
C LEU A 395 -13.27 -30.88 -0.86
N GLY A 396 -13.35 -30.61 0.45
CA GLY A 396 -13.09 -31.63 1.50
C GLY A 396 -14.25 -32.59 1.69
N GLY A 397 -15.34 -32.46 0.92
CA GLY A 397 -16.52 -33.34 1.01
C GLY A 397 -17.37 -33.03 2.24
N SER A 398 -17.12 -31.92 2.94
CA SER A 398 -17.93 -31.50 4.09
C SER A 398 -19.34 -31.12 3.60
N SER A 399 -20.33 -31.95 3.90
CA SER A 399 -21.74 -31.71 3.52
C SER A 399 -22.26 -30.48 4.27
N GLY A 400 -22.49 -29.38 3.56
CA GLY A 400 -22.93 -28.12 4.17
C GLY A 400 -23.35 -27.10 3.11
N PRO A 401 -24.43 -26.33 3.35
CA PRO A 401 -24.86 -25.32 2.39
C PRO A 401 -23.84 -24.19 2.26
N LEU A 402 -23.21 -24.10 1.10
CA LEU A 402 -22.16 -23.07 0.83
C LEU A 402 -22.82 -21.77 0.40
N PRO A 403 -22.28 -20.63 0.85
CA PRO A 403 -22.82 -19.35 0.44
C PRO A 403 -22.43 -18.99 -1.00
N GLN A 404 -23.22 -18.11 -1.60
CA GLN A 404 -23.01 -17.66 -2.99
C GLN A 404 -21.87 -16.64 -3.04
N VAL A 405 -21.33 -16.45 -4.23
CA VAL A 405 -20.29 -15.43 -4.50
C VAL A 405 -20.85 -14.47 -5.55
N ILE A 406 -20.92 -13.19 -5.22
CA ILE A 406 -21.52 -12.16 -6.10
C ILE A 406 -20.45 -11.11 -6.36
N GLY A 407 -19.21 -11.56 -6.56
CA GLY A 407 -18.04 -10.67 -6.61
C GLY A 407 -18.20 -9.54 -7.62
N LEU A 408 -18.24 -8.29 -7.14
CA LEU A 408 -18.34 -7.11 -8.03
C LEU A 408 -16.95 -6.54 -8.29
N THR A 409 -16.77 -5.97 -9.46
CA THR A 409 -15.50 -5.31 -9.84
C THR A 409 -15.75 -4.36 -11.00
N ALA A 410 -14.69 -3.66 -11.40
CA ALA A 410 -14.72 -2.72 -12.55
C ALA A 410 -13.76 -3.17 -13.65
N SER A 411 -12.70 -3.89 -13.31
CA SER A 411 -11.73 -4.41 -14.30
C SER A 411 -11.18 -5.72 -13.78
N VAL A 412 -11.37 -6.80 -14.53
CA VAL A 412 -10.91 -8.15 -14.12
C VAL A 412 -9.39 -8.15 -14.03
N GLY A 413 -8.71 -7.30 -14.80
CA GLY A 413 -7.25 -7.17 -14.76
C GLY A 413 -6.55 -8.24 -15.59
N VAL A 414 -5.34 -7.95 -16.03
CA VAL A 414 -4.55 -8.89 -16.88
C VAL A 414 -3.34 -9.42 -16.12
N GLY A 415 -2.65 -8.58 -15.35
CA GLY A 415 -1.45 -8.98 -14.60
C GLY A 415 -0.23 -8.99 -15.51
N ASP A 416 0.54 -10.07 -15.54
CA ASP A 416 1.79 -10.15 -16.33
C ASP A 416 1.57 -11.01 -17.58
N ALA A 417 0.34 -11.16 -18.05
CA ALA A 417 0.04 -11.97 -19.24
C ALA A 417 0.54 -11.23 -20.49
N LYS A 418 1.12 -11.98 -21.43
CA LYS A 418 1.67 -11.41 -22.69
C LYS A 418 0.66 -11.54 -23.83
N ASN A 419 -0.01 -12.68 -23.95
CA ASN A 419 -0.94 -12.93 -25.08
C ASN A 419 -2.34 -13.23 -24.55
N THR A 420 -3.27 -13.42 -25.48
CA THR A 420 -4.68 -13.72 -25.14
C THR A 420 -4.77 -15.06 -24.40
N ASP A 421 -3.91 -16.02 -24.73
CA ASP A 421 -3.91 -17.34 -24.07
C ASP A 421 -3.56 -17.15 -22.58
N GLU A 422 -2.50 -16.43 -22.29
CA GLU A 422 -2.09 -16.20 -20.88
C GLU A 422 -3.14 -15.34 -20.17
N ALA A 423 -3.76 -14.39 -20.87
CA ALA A 423 -4.82 -13.54 -20.27
C ALA A 423 -6.00 -14.45 -19.86
N LEU A 424 -6.40 -15.36 -20.74
CA LEU A 424 -7.52 -16.29 -20.46
C LEU A 424 -7.13 -17.22 -19.31
N ASP A 425 -5.88 -17.65 -19.28
CA ASP A 425 -5.38 -18.53 -18.19
C ASP A 425 -5.50 -17.79 -16.86
N TYR A 426 -5.06 -16.53 -16.82
CA TYR A 426 -5.12 -15.72 -15.58
C TYR A 426 -6.58 -15.49 -15.18
N ILE A 427 -7.44 -15.22 -16.13
CA ILE A 427 -8.88 -14.96 -15.82
C ILE A 427 -9.50 -16.24 -15.28
N CYS A 428 -9.18 -17.40 -15.86
CA CYS A 428 -9.71 -18.70 -15.38
C CYS A 428 -9.17 -18.99 -13.98
N LYS A 429 -7.91 -18.65 -13.71
CA LYS A 429 -7.32 -18.85 -12.37
C LYS A 429 -8.06 -17.95 -11.36
N LEU A 430 -8.38 -16.73 -11.75
CA LEU A 430 -9.15 -15.81 -10.86
C LEU A 430 -10.55 -16.38 -10.63
N CYS A 431 -11.18 -16.90 -11.67
CA CYS A 431 -12.54 -17.50 -11.56
C CYS A 431 -12.49 -18.70 -10.62
N ALA A 432 -11.44 -19.51 -10.68
CA ALA A 432 -11.30 -20.69 -9.80
C ALA A 432 -11.00 -20.25 -8.37
N SER A 433 -10.20 -19.20 -8.18
CA SER A 433 -9.89 -18.65 -6.85
C SER A 433 -11.13 -17.98 -6.24
N LEU A 434 -12.09 -17.58 -7.08
CA LEU A 434 -13.35 -16.96 -6.58
C LEU A 434 -14.51 -17.96 -6.66
N ASP A 435 -14.30 -19.11 -7.29
CA ASP A 435 -15.33 -20.19 -7.43
C ASP A 435 -16.60 -19.61 -8.04
N ALA A 436 -16.47 -19.09 -9.26
CA ALA A 436 -17.59 -18.52 -10.02
C ALA A 436 -17.65 -19.12 -11.42
N SER A 437 -18.79 -18.94 -12.07
CA SER A 437 -19.08 -19.51 -13.41
C SER A 437 -19.60 -18.46 -14.38
N VAL A 438 -19.90 -17.24 -13.95
CA VAL A 438 -20.42 -16.18 -14.85
C VAL A 438 -19.57 -14.94 -14.67
N ILE A 439 -19.22 -14.29 -15.78
CA ILE A 439 -18.57 -12.96 -15.76
C ILE A 439 -19.55 -12.01 -16.44
N ALA A 440 -20.36 -11.34 -15.65
CA ALA A 440 -21.46 -10.49 -16.18
C ALA A 440 -20.88 -9.16 -16.67
N THR A 441 -20.93 -8.94 -17.98
CA THR A 441 -20.62 -7.64 -18.60
C THR A 441 -21.82 -7.18 -19.42
N VAL A 442 -22.02 -5.89 -19.48
CA VAL A 442 -23.21 -5.30 -20.16
C VAL A 442 -23.00 -5.45 -21.67
N LYS A 443 -23.87 -6.21 -22.32
CA LYS A 443 -23.77 -6.44 -23.79
C LYS A 443 -24.99 -5.89 -24.53
N HIS A 444 -26.20 -6.10 -24.02
CA HIS A 444 -27.44 -5.71 -24.72
C HIS A 444 -27.57 -4.19 -24.74
N ASN A 445 -27.39 -3.55 -23.59
CA ASN A 445 -27.58 -2.08 -23.44
C ASN A 445 -26.20 -1.42 -23.36
N LEU A 446 -25.60 -1.12 -24.50
CA LEU A 446 -24.24 -0.51 -24.52
C LEU A 446 -24.36 1.02 -24.44
N GLU A 447 -25.44 1.60 -24.93
CA GLU A 447 -25.61 3.08 -24.93
C GLU A 447 -25.78 3.58 -23.49
N GLU A 448 -26.50 2.83 -22.67
CA GLU A 448 -26.70 3.21 -21.24
C GLU A 448 -25.35 3.17 -20.50
N LEU A 449 -24.47 2.25 -20.88
CA LEU A 449 -23.14 2.17 -20.23
C LEU A 449 -22.25 3.31 -20.76
N GLU A 450 -22.28 3.56 -22.06
CA GLU A 450 -21.40 4.59 -22.67
C GLU A 450 -21.87 5.99 -22.27
N GLN A 451 -23.11 6.15 -21.85
CA GLN A 451 -23.62 7.48 -21.39
C GLN A 451 -22.82 7.93 -20.16
N VAL A 452 -22.62 7.04 -19.20
CA VAL A 452 -21.80 7.35 -18.01
C VAL A 452 -20.79 6.21 -17.79
N VAL A 453 -19.61 6.36 -18.38
CA VAL A 453 -18.52 5.35 -18.23
C VAL A 453 -17.25 6.09 -17.81
N TYR A 454 -17.20 7.40 -18.02
CA TYR A 454 -16.03 8.25 -17.73
C TYR A 454 -14.82 7.72 -18.50
N LYS A 455 -14.94 7.75 -19.82
CA LYS A 455 -13.85 7.32 -20.74
C LYS A 455 -13.21 8.57 -21.33
N PRO A 456 -12.05 9.00 -20.81
CA PRO A 456 -11.36 10.17 -21.37
C PRO A 456 -10.43 9.81 -22.52
N GLN A 457 -9.87 10.85 -23.13
CA GLN A 457 -8.92 10.73 -24.24
C GLN A 457 -7.50 10.84 -23.69
N LYS A 458 -6.61 9.99 -24.18
CA LYS A 458 -5.19 9.97 -23.72
C LYS A 458 -4.39 11.01 -24.50
N PHE A 459 -3.37 11.54 -23.85
CA PHE A 459 -2.47 12.54 -24.47
C PHE A 459 -1.09 12.39 -23.83
N PHE A 460 -0.17 11.77 -24.56
CA PHE A 460 1.23 11.61 -24.10
C PHE A 460 1.99 12.90 -24.38
N ARG A 461 2.76 13.36 -23.39
CA ARG A 461 3.53 14.61 -23.50
C ARG A 461 4.96 14.36 -23.03
N LYS A 462 5.59 13.34 -23.59
CA LYS A 462 6.99 12.99 -23.25
C LYS A 462 7.89 14.20 -23.48
N VAL A 463 8.71 14.53 -22.49
CA VAL A 463 9.69 15.65 -22.57
C VAL A 463 11.08 15.09 -22.32
N GLU A 464 12.08 15.77 -22.84
CA GLU A 464 13.50 15.43 -22.61
C GLU A 464 13.94 15.97 -21.24
N SER A 465 14.96 15.35 -20.67
CA SER A 465 15.49 15.75 -19.34
C SER A 465 16.33 17.03 -19.48
N ARG A 466 16.77 17.57 -18.35
CA ARG A 466 17.63 18.76 -18.31
C ARG A 466 19.02 18.41 -18.84
N ILE A 467 19.65 19.34 -19.53
CA ILE A 467 21.00 19.13 -20.12
C ILE A 467 22.07 19.62 -19.15
N SER A 468 22.03 20.90 -18.80
CA SER A 468 23.04 21.53 -17.91
C SER A 468 22.58 21.42 -16.46
N ASP A 469 23.06 20.40 -15.76
CA ASP A 469 22.67 20.14 -14.36
C ASP A 469 23.84 20.49 -13.45
N LYS A 470 23.86 21.70 -12.91
CA LYS A 470 24.95 22.14 -12.00
C LYS A 470 24.65 21.66 -10.59
N PHE A 471 23.39 21.70 -10.17
CA PHE A 471 22.97 21.17 -8.84
C PHE A 471 23.34 19.69 -8.75
N LYS A 472 23.05 18.93 -9.80
CA LYS A 472 23.36 17.49 -9.85
C LYS A 472 24.88 17.28 -9.76
N TYR A 473 25.65 18.11 -10.44
CA TYR A 473 27.13 17.98 -10.43
C TYR A 473 27.67 18.27 -9.02
N ILE A 474 27.15 19.30 -8.37
CA ILE A 474 27.64 19.68 -7.00
C ILE A 474 27.25 18.57 -6.02
N ILE A 475 26.04 18.03 -6.14
CA ILE A 475 25.60 16.96 -5.21
C ILE A 475 26.42 15.69 -5.49
N ALA A 476 26.77 15.44 -6.75
CA ALA A 476 27.60 14.26 -7.10
C ALA A 476 29.00 14.44 -6.51
N GLN A 477 29.53 15.65 -6.54
CA GLN A 477 30.86 15.93 -5.94
C GLN A 477 30.77 15.71 -4.43
N LEU A 478 29.69 16.17 -3.80
CA LEU A 478 29.50 15.97 -2.34
C LEU A 478 29.42 14.47 -2.03
N MET A 479 28.71 13.71 -2.86
CA MET A 479 28.57 12.25 -2.65
C MET A 479 29.93 11.57 -2.84
N ARG A 480 30.74 12.02 -3.81
CA ARG A 480 32.08 11.45 -4.02
C ARG A 480 32.96 11.76 -2.80
N ASP A 481 32.87 12.97 -2.26
CA ASP A 481 33.65 13.34 -1.05
C ASP A 481 33.21 12.48 0.13
N THR A 482 31.91 12.26 0.29
CA THR A 482 31.38 11.43 1.39
C THR A 482 31.87 9.99 1.23
N GLU A 483 31.87 9.47 0.01
CA GLU A 483 32.32 8.08 -0.25
C GLU A 483 33.82 7.97 0.03
N SER A 484 34.60 8.97 -0.37
CA SER A 484 36.07 8.99 -0.12
C SER A 484 36.33 9.06 1.39
N LEU A 485 35.48 9.78 2.13
CA LEU A 485 35.65 9.88 3.60
C LEU A 485 35.27 8.54 4.25
N ALA A 486 34.21 7.90 3.78
CA ALA A 486 33.74 6.61 4.34
C ALA A 486 34.72 5.47 4.00
N LYS A 487 35.44 5.59 2.88
CA LYS A 487 36.39 4.53 2.46
C LYS A 487 37.57 4.46 3.42
N ARG A 488 37.85 5.53 4.16
CA ARG A 488 39.01 5.58 5.09
C ARG A 488 38.74 4.65 6.29
N ILE A 489 37.48 4.39 6.63
CA ILE A 489 37.13 3.53 7.79
C ILE A 489 37.00 2.09 7.29
N CYS A 490 36.18 1.88 6.27
CA CYS A 490 35.96 0.54 5.68
C CYS A 490 36.79 0.44 4.41
N LYS A 491 37.88 -0.33 4.44
CA LYS A 491 38.80 -0.47 3.28
C LYS A 491 38.08 -1.16 2.12
N ASP A 492 37.44 -2.29 2.39
CA ASP A 492 36.78 -3.11 1.34
C ASP A 492 35.33 -2.65 1.19
N LEU A 493 35.12 -1.35 0.97
CA LEU A 493 33.76 -0.80 0.80
C LEU A 493 33.18 -1.25 -0.54
N GLU A 494 34.01 -1.36 -1.57
CA GLU A 494 33.55 -1.77 -2.92
C GLU A 494 33.29 -3.28 -2.96
N ASN A 495 33.85 -4.05 -2.02
CA ASN A 495 33.73 -5.53 -2.03
C ASN A 495 32.56 -5.99 -1.14
N LEU A 496 31.80 -5.06 -0.55
CA LEU A 496 30.67 -5.43 0.34
C LEU A 496 29.41 -5.73 -0.48
N SER A 497 29.30 -5.20 -1.70
CA SER A 497 28.12 -5.42 -2.57
C SER A 497 28.58 -5.96 -3.92
N GLN A 498 27.81 -6.89 -4.47
CA GLN A 498 28.08 -7.50 -5.79
C GLN A 498 27.48 -6.64 -6.91
N ILE A 499 27.06 -5.42 -6.62
CA ILE A 499 26.47 -4.51 -7.63
C ILE A 499 27.59 -3.92 -8.48
N GLN A 500 27.36 -3.85 -9.79
CA GLN A 500 28.36 -3.33 -10.77
C GLN A 500 28.38 -1.80 -10.72
N ASN A 501 29.08 -1.17 -11.65
CA ASN A 501 29.19 0.30 -11.75
C ASN A 501 27.80 0.93 -11.69
N ARG A 502 27.66 1.99 -10.91
CA ARG A 502 26.37 2.67 -10.68
C ARG A 502 26.54 4.17 -10.90
N GLU A 503 25.44 4.84 -11.20
CA GLU A 503 25.42 6.30 -11.42
C GLU A 503 24.60 6.96 -10.30
N PHE A 504 25.01 8.14 -9.88
CA PHE A 504 24.30 8.90 -8.83
C PHE A 504 22.95 9.36 -9.37
N GLY A 505 22.01 9.53 -8.44
CA GLY A 505 20.64 10.01 -8.74
C GLY A 505 19.75 8.93 -9.33
N THR A 506 20.22 7.68 -9.46
CA THR A 506 19.39 6.59 -9.99
C THR A 506 18.89 5.70 -8.85
N GLN A 507 17.94 4.83 -9.16
CA GLN A 507 17.36 3.88 -8.20
C GLN A 507 18.36 2.77 -7.87
N LYS A 508 19.42 2.61 -8.65
CA LYS A 508 20.44 1.55 -8.43
C LYS A 508 21.37 1.95 -7.27
N TYR A 509 21.75 3.21 -7.16
CA TYR A 509 22.67 3.67 -6.10
C TYR A 509 21.98 3.53 -4.73
N GLU A 510 20.65 3.69 -4.69
CA GLU A 510 19.89 3.53 -3.43
C GLU A 510 20.03 2.08 -2.95
N GLN A 511 19.81 1.11 -3.84
CA GLN A 511 19.95 -0.32 -3.47
C GLN A 511 21.41 -0.61 -3.10
N TRP A 512 22.35 -0.01 -3.83
CA TRP A 512 23.79 -0.24 -3.55
C TRP A 512 24.13 0.25 -2.13
N ILE A 513 23.68 1.44 -1.77
CA ILE A 513 23.99 2.00 -0.43
C ILE A 513 23.22 1.24 0.65
N VAL A 514 22.04 0.73 0.35
CA VAL A 514 21.28 -0.08 1.35
C VAL A 514 22.03 -1.40 1.57
N THR A 515 22.54 -2.01 0.51
CA THR A 515 23.33 -3.25 0.63
C THR A 515 24.61 -2.98 1.41
N VAL A 516 25.25 -1.84 1.15
CA VAL A 516 26.48 -1.46 1.90
C VAL A 516 26.12 -1.28 3.39
N GLN A 517 24.97 -0.69 3.68
CA GLN A 517 24.53 -0.50 5.08
C GLN A 517 24.33 -1.87 5.73
N LYS A 518 23.61 -2.77 5.06
CA LYS A 518 23.29 -4.10 5.63
C LYS A 518 24.55 -4.96 5.73
N ALA A 519 25.59 -4.69 4.94
CA ALA A 519 26.87 -5.43 5.02
C ALA A 519 27.78 -4.80 6.08
N CYS A 520 27.60 -3.53 6.39
CA CYS A 520 28.38 -2.85 7.47
C CYS A 520 27.73 -3.11 8.83
N MET A 521 26.45 -3.44 8.87
CA MET A 521 25.73 -3.70 10.15
C MET A 521 26.20 -5.03 10.75
N VAL A 522 26.99 -5.84 10.03
CA VAL A 522 27.48 -7.13 10.56
C VAL A 522 28.98 -7.04 10.85
N PHE A 523 29.56 -5.85 10.77
CA PHE A 523 31.00 -5.65 11.05
C PHE A 523 31.25 -5.93 12.54
N GLN A 524 32.13 -6.89 12.83
CA GLN A 524 32.47 -7.27 14.21
C GLN A 524 33.97 -7.13 14.41
N MET A 525 34.35 -6.60 15.57
CA MET A 525 35.77 -6.45 15.97
C MET A 525 35.95 -7.07 17.34
N PRO A 526 37.14 -7.62 17.64
CA PRO A 526 37.40 -8.19 18.97
C PRO A 526 37.49 -7.15 20.09
N ASP A 527 37.51 -5.86 19.77
CA ASP A 527 37.61 -4.79 20.79
C ASP A 527 36.22 -4.55 21.40
N LYS A 528 35.17 -4.53 20.58
CA LYS A 528 33.76 -4.28 20.99
C LYS A 528 33.60 -2.87 21.57
N ASP A 529 34.57 -1.98 21.36
CA ASP A 529 34.47 -0.57 21.82
C ASP A 529 34.66 0.36 20.62
N GLU A 530 35.58 -0.01 19.72
CA GLU A 530 35.80 0.76 18.47
C GLU A 530 34.74 0.40 17.42
N GLU A 531 34.17 -0.80 17.50
CA GLU A 531 33.11 -1.24 16.56
C GLU A 531 31.88 -0.34 16.73
N SER A 532 31.53 0.00 17.96
CA SER A 532 30.35 0.85 18.26
C SER A 532 30.49 2.22 17.61
N ARG A 533 31.72 2.69 17.35
CA ARG A 533 31.96 3.99 16.68
C ARG A 533 32.10 3.79 15.17
N ILE A 534 32.78 2.73 14.75
CA ILE A 534 32.99 2.47 13.29
C ILE A 534 31.63 2.25 12.62
N CYS A 535 30.80 1.37 13.17
CA CYS A 535 29.47 1.08 12.60
C CYS A 535 28.59 2.34 12.65
N LYS A 536 28.73 3.15 13.69
CA LYS A 536 27.92 4.40 13.81
C LYS A 536 28.33 5.37 12.70
N ALA A 537 29.63 5.56 12.50
CA ALA A 537 30.16 6.47 11.44
C ALA A 537 29.69 5.95 10.09
N LEU A 538 29.75 4.64 9.86
CA LEU A 538 29.35 4.06 8.56
C LEU A 538 27.85 4.25 8.36
N PHE A 539 27.04 4.08 9.41
CA PHE A 539 25.59 4.28 9.32
C PHE A 539 25.29 5.75 9.00
N LEU A 540 26.00 6.68 9.62
CA LEU A 540 25.78 8.13 9.36
C LEU A 540 26.15 8.46 7.91
N TYR A 541 27.28 7.92 7.43
CA TYR A 541 27.71 8.16 6.03
C TYR A 541 26.68 7.58 5.07
N THR A 542 26.18 6.39 5.35
CA THR A 542 25.18 5.74 4.48
C THR A 542 23.89 6.55 4.48
N SER A 543 23.45 7.03 5.64
CA SER A 543 22.21 7.85 5.74
C SER A 543 22.39 9.14 4.94
N HIS A 544 23.55 9.77 5.03
CA HIS A 544 23.83 11.03 4.28
C HIS A 544 23.81 10.74 2.77
N LEU A 545 24.43 9.64 2.36
CA LEU A 545 24.47 9.28 0.92
C LEU A 545 23.04 8.98 0.43
N ARG A 546 22.24 8.31 1.25
CA ARG A 546 20.84 7.99 0.87
C ARG A 546 20.05 9.29 0.74
N LYS A 547 20.22 10.22 1.66
CA LYS A 547 19.52 11.52 1.58
C LYS A 547 19.96 12.30 0.34
N TYR A 548 21.25 12.27 0.01
CA TYR A 548 21.77 12.93 -1.20
C TYR A 548 21.15 12.30 -2.45
N ASN A 549 21.06 10.98 -2.48
CA ASN A 549 20.46 10.26 -3.63
C ASN A 549 18.97 10.62 -3.74
N ASP A 550 18.26 10.70 -2.62
CA ASP A 550 16.83 11.07 -2.62
C ASP A 550 16.68 12.51 -3.12
N ALA A 551 17.57 13.41 -2.73
CA ALA A 551 17.55 14.81 -3.20
C ALA A 551 17.79 14.85 -4.71
N LEU A 552 18.73 14.04 -5.20
CA LEU A 552 19.02 13.98 -6.65
C LEU A 552 17.81 13.43 -7.40
N ILE A 553 17.10 12.46 -6.84
CA ILE A 553 15.89 11.90 -7.49
C ILE A 553 14.78 12.96 -7.49
N ILE A 554 14.62 13.69 -6.40
CA ILE A 554 13.54 14.73 -6.31
C ILE A 554 13.86 15.88 -7.27
N SER A 555 15.14 16.18 -7.46
CA SER A 555 15.57 17.30 -8.35
C SER A 555 15.20 17.01 -9.81
N GLU A 556 15.16 15.75 -10.22
CA GLU A 556 14.89 15.40 -11.63
C GLU A 556 13.40 15.58 -11.93
N HIS A 557 12.53 15.53 -10.93
CA HIS A 557 11.06 15.62 -11.13
C HIS A 557 10.50 16.96 -10.65
N ALA A 558 11.21 17.70 -9.81
CA ALA A 558 10.68 18.95 -9.23
C ALA A 558 11.65 20.10 -9.47
N ARG A 559 11.41 21.24 -8.82
CA ARG A 559 12.27 22.43 -8.97
C ARG A 559 13.66 22.13 -8.39
N MET A 560 14.62 22.98 -8.72
CA MET A 560 16.00 22.85 -8.23
C MET A 560 16.09 23.30 -6.77
N LYS A 561 15.20 24.17 -6.31
CA LYS A 561 15.23 24.65 -4.90
C LYS A 561 14.52 23.66 -3.97
N ASP A 562 13.62 22.83 -4.49
CA ASP A 562 12.89 21.86 -3.65
C ASP A 562 13.82 20.77 -3.14
N ALA A 563 14.71 20.27 -3.99
CA ALA A 563 15.70 19.25 -3.60
C ALA A 563 16.68 19.82 -2.57
N LEU A 564 16.92 21.13 -2.60
CA LEU A 564 17.80 21.80 -1.60
C LEU A 564 17.04 22.02 -0.31
N ASP A 565 15.78 22.42 -0.38
CA ASP A 565 14.94 22.58 0.83
C ASP A 565 14.78 21.24 1.54
N TYR A 566 14.72 20.14 0.78
CA TYR A 566 14.64 18.79 1.37
C TYR A 566 15.89 18.51 2.21
N LEU A 567 17.07 18.76 1.66
CA LEU A 567 18.35 18.53 2.40
C LEU A 567 18.42 19.51 3.58
N LYS A 568 17.95 20.73 3.42
CA LYS A 568 17.98 21.72 4.53
C LYS A 568 17.09 21.23 5.66
N ASP A 569 15.90 20.73 5.36
CA ASP A 569 14.97 20.21 6.40
C ASP A 569 15.61 18.98 7.06
N PHE A 570 16.22 18.11 6.27
CA PHE A 570 16.88 16.89 6.82
C PHE A 570 17.98 17.30 7.80
N PHE A 571 18.82 18.25 7.40
CA PHE A 571 19.95 18.71 8.27
C PHE A 571 19.41 19.43 9.51
N SER A 572 18.31 20.17 9.38
CA SER A 572 17.71 20.90 10.52
C SER A 572 17.15 19.88 11.51
N ASN A 573 16.53 18.82 10.99
CA ASN A 573 15.93 17.76 11.86
C ASN A 573 17.05 16.97 12.53
N VAL A 574 18.16 16.74 11.83
CA VAL A 574 19.26 15.89 12.37
C VAL A 574 20.18 16.72 13.26
N ARG A 575 20.11 18.05 13.20
CA ARG A 575 21.03 18.92 13.97
C ARG A 575 20.55 19.11 15.41
N ALA A 576 19.52 18.38 15.84
CA ALA A 576 18.97 18.49 17.21
C ALA A 576 19.02 17.14 17.94
N ALA A 577 18.85 16.02 17.24
CA ALA A 577 18.87 14.67 17.83
C ALA A 577 20.29 14.10 17.73
N GLY A 578 21.20 14.69 18.49
CA GLY A 578 22.60 14.24 18.58
C GLY A 578 23.50 14.96 17.60
N PHE A 579 24.74 15.25 18.03
CA PHE A 579 25.73 15.92 17.18
C PHE A 579 27.12 15.50 17.62
N ASP A 580 27.71 14.57 16.88
CA ASP A 580 29.06 14.03 17.14
C ASP A 580 30.05 14.68 16.17
N GLU A 581 31.30 14.24 16.22
CA GLU A 581 32.39 14.80 15.38
C GLU A 581 32.19 14.44 13.90
N ILE A 582 31.51 13.35 13.59
CA ILE A 582 31.29 12.94 12.18
C ILE A 582 30.13 13.73 11.60
N GLU A 583 29.01 13.80 12.33
CA GLU A 583 27.81 14.53 11.84
C GLU A 583 28.12 16.02 11.73
N GLN A 584 28.89 16.57 12.67
CA GLN A 584 29.29 18.00 12.61
C GLN A 584 30.14 18.25 11.37
N ASP A 585 31.07 17.36 11.08
CA ASP A 585 31.95 17.50 9.87
C ASP A 585 31.08 17.42 8.62
N LEU A 586 30.12 16.50 8.57
CA LEU A 586 29.24 16.37 7.38
C LEU A 586 28.39 17.64 7.24
N THR A 587 27.88 18.17 8.35
CA THR A 587 27.07 19.41 8.31
C THR A 587 27.93 20.57 7.80
N GLN A 588 29.17 20.66 8.26
CA GLN A 588 30.10 21.73 7.81
C GLN A 588 30.36 21.57 6.31
N ARG A 589 30.58 20.34 5.86
CA ARG A 589 30.82 20.07 4.41
C ARG A 589 29.59 20.51 3.61
N PHE A 590 28.39 20.25 4.11
CA PHE A 590 27.16 20.63 3.39
C PHE A 590 26.98 22.15 3.40
N GLU A 591 27.32 22.81 4.51
CA GLU A 591 27.17 24.28 4.62
C GLU A 591 28.20 24.98 3.74
N GLU A 592 29.35 24.35 3.51
CA GLU A 592 30.40 24.95 2.63
C GLU A 592 29.88 25.11 1.20
N LYS A 593 28.87 24.33 0.79
CA LYS A 593 28.32 24.41 -0.59
C LYS A 593 26.84 24.81 -0.60
N LEU A 594 26.20 24.96 0.56
CA LEU A 594 24.78 25.41 0.59
C LEU A 594 24.67 26.79 -0.05
N GLN A 595 25.61 27.69 0.22
CA GLN A 595 25.60 29.05 -0.36
C GLN A 595 25.70 28.98 -1.88
N GLU A 596 26.55 28.11 -2.41
CA GLU A 596 26.72 27.95 -3.87
C GLU A 596 25.46 27.33 -4.46
N LEU A 597 24.85 26.38 -3.77
CA LEU A 597 23.64 25.69 -4.29
C LEU A 597 22.45 26.65 -4.27
N GLU A 598 22.39 27.58 -3.33
CA GLU A 598 21.26 28.53 -3.23
C GLU A 598 21.18 29.40 -4.49
N SER A 599 22.32 29.83 -5.02
CA SER A 599 22.36 30.69 -6.23
C SER A 599 21.84 29.90 -7.43
N VAL A 600 22.28 28.65 -7.57
CA VAL A 600 21.87 27.80 -8.73
C VAL A 600 20.38 27.48 -8.59
N SER A 601 19.89 27.32 -7.37
CA SER A 601 18.45 27.03 -7.13
C SER A 601 17.62 28.27 -7.46
N ARG A 602 18.11 29.45 -7.13
CA ARG A 602 17.36 30.72 -7.35
C ARG A 602 17.41 31.07 -8.84
N ASP A 603 18.46 30.67 -9.54
CA ASP A 603 18.62 30.99 -10.98
C ASP A 603 17.43 30.40 -11.74
N PRO A 604 16.59 31.23 -12.38
CA PRO A 604 15.43 30.71 -13.11
C PRO A 604 15.75 30.03 -14.45
N SER A 605 16.99 30.15 -14.94
CA SER A 605 17.40 29.53 -16.22
C SER A 605 17.56 28.01 -16.05
N ASN A 606 17.80 27.55 -14.83
CA ASN A 606 18.03 26.11 -14.54
C ASN A 606 16.71 25.38 -14.32
N GLU A 607 15.57 25.99 -14.61
CA GLU A 607 14.25 25.36 -14.42
C GLU A 607 14.13 24.13 -15.32
N ASN A 608 13.69 23.02 -14.76
CA ASN A 608 13.51 21.76 -15.53
C ASN A 608 12.38 21.97 -16.55
N PRO A 609 12.52 21.38 -17.76
CA PRO A 609 11.47 21.53 -18.78
C PRO A 609 10.18 20.75 -18.48
N LYS A 610 10.22 19.79 -17.57
CA LYS A 610 9.02 18.97 -17.27
C LYS A 610 7.95 19.84 -16.61
N LEU A 611 8.33 20.62 -15.62
CA LEU A 611 7.36 21.54 -14.95
C LEU A 611 6.92 22.64 -15.92
N GLU A 612 7.80 23.07 -16.81
CA GLU A 612 7.43 24.08 -17.83
C GLU A 612 6.36 23.49 -18.75
N ASP A 613 6.52 22.26 -19.18
CA ASP A 613 5.53 21.58 -20.06
C ASP A 613 4.23 21.39 -19.27
N LEU A 614 4.33 21.05 -17.99
CA LEU A 614 3.13 20.86 -17.13
C LEU A 614 2.34 22.17 -17.07
N CYS A 615 3.01 23.28 -16.77
CA CYS A 615 2.32 24.59 -16.67
C CYS A 615 1.78 24.98 -18.04
N PHE A 616 2.51 24.67 -19.10
CA PHE A 616 2.11 25.03 -20.48
C PHE A 616 0.83 24.28 -20.87
N ILE A 617 0.71 23.02 -20.51
CA ILE A 617 -0.50 22.21 -20.83
C ILE A 617 -1.62 22.51 -19.83
N LEU A 618 -1.31 23.05 -18.65
CA LEU A 618 -2.36 23.43 -17.67
C LEU A 618 -3.00 24.76 -18.08
N GLN A 619 -2.19 25.72 -18.53
CA GLN A 619 -2.69 27.07 -18.86
C GLN A 619 -3.58 27.01 -20.11
N GLU A 620 -3.19 26.23 -21.11
CA GLU A 620 -3.96 26.11 -22.36
C GLU A 620 -5.32 25.44 -22.12
N GLU A 621 -5.46 24.67 -21.03
CA GLU A 621 -6.75 24.03 -20.67
C GLU A 621 -7.57 24.96 -19.78
N TYR A 622 -6.94 25.63 -18.82
CA TYR A 622 -7.67 26.54 -17.90
C TYR A 622 -8.12 27.80 -18.64
N HIS A 623 -7.45 28.16 -19.73
CA HIS A 623 -7.89 29.30 -20.58
C HIS A 623 -9.10 28.87 -21.42
N LEU A 624 -9.07 27.65 -21.95
CA LEU A 624 -10.18 27.10 -22.77
C LEU A 624 -11.42 26.92 -21.87
N ASN A 625 -11.23 26.49 -20.63
CA ASN A 625 -12.36 26.30 -19.69
C ASN A 625 -11.88 26.61 -18.28
N PRO A 626 -12.30 27.75 -17.69
CA PRO A 626 -11.90 28.08 -16.33
C PRO A 626 -12.78 27.38 -15.27
N GLU A 627 -13.06 26.10 -15.49
CA GLU A 627 -13.84 25.30 -14.50
C GLU A 627 -13.30 23.88 -14.39
N THR A 628 -12.19 23.55 -15.03
CA THR A 628 -11.68 22.17 -15.06
C THR A 628 -11.08 21.85 -13.69
N ILE A 629 -11.78 21.05 -12.89
CA ILE A 629 -11.24 20.58 -11.58
C ILE A 629 -10.32 19.40 -11.87
N THR A 630 -9.05 19.69 -12.08
CA THR A 630 -8.06 18.67 -12.51
C THR A 630 -7.51 17.91 -11.30
N ILE A 631 -6.87 16.79 -11.59
CA ILE A 631 -6.23 15.95 -10.55
C ILE A 631 -4.86 15.51 -11.05
N LEU A 632 -3.85 15.63 -10.19
CA LEU A 632 -2.46 15.32 -10.56
C LEU A 632 -2.01 14.10 -9.78
N PHE A 633 -1.41 13.13 -10.47
CA PHE A 633 -0.91 11.88 -9.87
C PHE A 633 0.61 11.85 -9.99
N VAL A 634 1.28 11.73 -8.86
CA VAL A 634 2.76 11.58 -8.81
C VAL A 634 3.09 10.25 -8.12
N LYS A 635 4.37 9.92 -8.09
CA LYS A 635 4.84 8.61 -7.55
C LYS A 635 5.24 8.79 -6.09
N THR A 636 6.21 9.64 -5.80
CA THR A 636 6.75 9.79 -4.43
C THR A 636 5.86 10.72 -3.62
N ARG A 637 5.80 10.48 -2.32
CA ARG A 637 5.03 11.34 -1.37
C ARG A 637 5.76 12.67 -1.18
N ALA A 638 7.08 12.68 -1.16
CA ALA A 638 7.89 13.92 -1.03
C ALA A 638 7.69 14.82 -2.25
N LEU A 639 7.23 14.27 -3.38
CA LEU A 639 6.99 15.08 -4.60
C LEU A 639 5.64 15.79 -4.52
N VAL A 640 4.73 15.32 -3.68
CA VAL A 640 3.39 15.97 -3.56
C VAL A 640 3.58 17.39 -3.00
N ASP A 641 4.33 17.51 -1.91
CA ASP A 641 4.61 18.83 -1.30
C ASP A 641 5.41 19.69 -2.29
N ALA A 642 6.30 19.07 -3.07
CA ALA A 642 7.11 19.79 -4.06
C ALA A 642 6.18 20.41 -5.12
N LEU A 643 5.27 19.63 -5.66
CA LEU A 643 4.31 20.12 -6.67
C LEU A 643 3.37 21.17 -6.05
N LYS A 644 2.99 20.99 -4.79
CA LYS A 644 2.13 21.98 -4.09
C LYS A 644 2.88 23.32 -4.00
N ASN A 645 4.13 23.29 -3.57
CA ASN A 645 4.94 24.53 -3.43
C ASN A 645 5.17 25.15 -4.82
N TRP A 646 5.33 24.31 -5.84
CA TRP A 646 5.53 24.80 -7.22
C TRP A 646 4.27 25.52 -7.70
N ILE A 647 3.10 24.94 -7.45
CA ILE A 647 1.82 25.56 -7.86
C ILE A 647 1.63 26.86 -7.07
N GLU A 648 2.01 26.87 -5.80
CA GLU A 648 1.82 28.08 -4.95
C GLU A 648 2.72 29.21 -5.43
N GLY A 649 4.02 28.94 -5.59
CA GLY A 649 5.03 29.97 -5.90
C GLY A 649 5.26 30.14 -7.38
N ASN A 650 4.21 30.09 -8.21
CA ASN A 650 4.34 30.26 -9.67
C ASN A 650 3.46 31.41 -10.12
N PRO A 651 4.02 32.51 -10.66
CA PRO A 651 3.18 33.62 -11.12
C PRO A 651 2.44 33.35 -12.43
N LYS A 652 2.86 32.34 -13.20
CA LYS A 652 2.22 32.03 -14.49
C LYS A 652 0.80 31.51 -14.24
N LEU A 653 0.61 30.68 -13.22
CA LEU A 653 -0.72 30.13 -12.87
C LEU A 653 -1.11 30.64 -11.49
N SER A 654 -2.19 31.42 -11.42
CA SER A 654 -2.70 31.99 -10.14
C SER A 654 -4.08 31.42 -9.78
N PHE A 655 -4.84 30.90 -10.74
CA PHE A 655 -6.23 30.42 -10.52
C PHE A 655 -6.23 29.02 -9.89
N LEU A 656 -5.05 28.45 -9.58
CA LEU A 656 -4.97 27.08 -9.05
C LEU A 656 -4.87 27.11 -7.52
N LYS A 657 -5.60 26.23 -6.87
CA LYS A 657 -5.57 26.08 -5.39
C LYS A 657 -5.09 24.68 -5.07
N PRO A 658 -4.05 24.53 -4.23
CA PRO A 658 -3.52 23.21 -3.91
C PRO A 658 -4.56 22.30 -3.23
N GLY A 659 -4.53 21.03 -3.61
CA GLY A 659 -5.45 20.00 -3.09
C GLY A 659 -4.67 18.80 -2.58
N ILE A 660 -3.55 19.03 -1.91
CA ILE A 660 -2.63 17.96 -1.43
C ILE A 660 -3.43 16.86 -0.73
N LEU A 661 -3.29 15.63 -1.20
CA LEU A 661 -3.98 14.44 -0.62
C LEU A 661 -3.07 13.24 -0.82
N THR A 662 -2.33 12.87 0.22
CA THR A 662 -1.38 11.75 0.16
C THR A 662 -2.05 10.48 0.67
N GLY A 663 -2.49 10.50 1.93
CA GLY A 663 -3.08 9.34 2.59
C GLY A 663 -2.41 9.05 3.92
N ARG A 664 -2.99 8.12 4.67
CA ARG A 664 -2.46 7.74 6.00
C ARG A 664 -1.06 7.13 5.85
N GLY A 665 -0.97 6.02 5.11
CA GLY A 665 0.29 5.29 4.85
C GLY A 665 0.89 4.73 6.14
N MET A 673 -1.01 11.63 6.93
CA MET A 673 -2.41 12.12 6.99
C MET A 673 -3.25 11.19 7.87
N THR A 674 -4.55 11.45 7.95
CA THR A 674 -5.48 10.63 8.76
C THR A 674 -6.83 10.55 8.05
N LEU A 675 -7.75 9.81 8.65
CA LEU A 675 -9.07 9.53 8.01
C LEU A 675 -9.91 10.80 7.98
N PRO A 676 -10.08 11.59 9.06
CA PRO A 676 -10.85 12.83 8.96
C PRO A 676 -10.22 13.86 8.00
N ALA A 677 -8.88 13.95 7.98
CA ALA A 677 -8.17 14.86 7.07
C ALA A 677 -8.38 14.40 5.62
N GLN A 678 -8.50 13.09 5.40
CA GLN A 678 -8.76 12.54 4.04
C GLN A 678 -10.21 12.76 3.65
N LYS A 679 -11.12 12.75 4.62
CA LYS A 679 -12.58 12.90 4.33
C LYS A 679 -12.90 14.37 4.04
N CYS A 680 -12.41 15.29 4.86
CA CYS A 680 -12.75 16.74 4.72
C CYS A 680 -12.07 17.32 3.47
N ILE A 681 -10.97 16.74 2.99
CA ILE A 681 -10.31 17.26 1.78
C ILE A 681 -11.10 16.82 0.54
N LEU A 682 -11.68 15.63 0.59
CA LEU A 682 -12.52 15.14 -0.54
C LEU A 682 -13.90 15.79 -0.48
N ASP A 683 -14.36 16.19 0.70
CA ASP A 683 -15.69 16.84 0.84
C ASP A 683 -15.68 18.19 0.12
N ALA A 684 -14.67 19.02 0.38
CA ALA A 684 -14.54 20.35 -0.26
C ALA A 684 -13.88 20.19 -1.62
N PHE A 685 -14.54 19.47 -2.53
CA PHE A 685 -14.00 19.19 -3.88
C PHE A 685 -15.09 19.41 -4.93
N LYS A 686 -15.82 20.52 -4.80
CA LYS A 686 -16.92 20.87 -5.75
C LYS A 686 -16.54 22.12 -6.56
N ASP A 690 -12.63 25.67 -1.68
CA ASP A 690 -12.83 25.66 -3.15
C ASP A 690 -11.50 25.37 -3.85
N HIS A 691 -11.11 24.10 -3.87
CA HIS A 691 -9.85 23.67 -4.51
C HIS A 691 -10.05 23.47 -6.01
N ASN A 692 -9.00 23.73 -6.78
CA ASN A 692 -9.04 23.60 -8.25
C ASN A 692 -8.28 22.34 -8.70
N ILE A 693 -7.09 22.12 -8.15
CA ILE A 693 -6.24 20.96 -8.53
C ILE A 693 -6.07 20.07 -7.29
N LEU A 694 -6.12 18.77 -7.49
CA LEU A 694 -5.93 17.78 -6.41
C LEU A 694 -4.62 17.04 -6.68
N ILE A 695 -3.56 17.44 -5.99
CA ILE A 695 -2.23 16.80 -6.16
C ILE A 695 -2.21 15.55 -5.27
N ALA A 696 -2.61 14.42 -5.83
CA ALA A 696 -2.66 13.14 -5.09
C ALA A 696 -1.54 12.20 -5.58
N THR A 697 -1.46 11.03 -4.96
CA THR A 697 -0.46 10.00 -5.32
C THR A 697 -1.10 8.64 -5.54
N SER A 698 -2.31 8.40 -5.07
CA SER A 698 -3.01 7.10 -5.23
C SER A 698 -4.51 7.29 -5.11
N VAL A 699 -5.25 6.92 -6.16
CA VAL A 699 -6.73 7.04 -6.20
C VAL A 699 -7.34 5.98 -5.28
N ILE A 706 -15.23 8.79 -4.95
CA ILE A 706 -16.14 9.96 -5.15
C ILE A 706 -15.34 11.15 -5.68
N ALA A 707 -14.52 10.92 -6.70
CA ALA A 707 -13.69 11.97 -7.33
C ALA A 707 -14.09 12.09 -8.80
N GLN A 708 -15.09 12.90 -9.09
CA GLN A 708 -15.57 13.12 -10.47
C GLN A 708 -14.86 14.35 -11.03
N CYS A 709 -13.75 14.13 -11.71
CA CYS A 709 -12.95 15.21 -12.33
C CYS A 709 -13.20 15.25 -13.84
N ASN A 710 -12.51 16.14 -14.54
CA ASN A 710 -12.58 16.20 -16.02
C ASN A 710 -11.19 16.38 -16.62
N LEU A 711 -10.13 16.20 -15.84
CA LEU A 711 -8.74 16.33 -16.34
C LEU A 711 -7.81 15.60 -15.38
N VAL A 712 -7.05 14.65 -15.90
CA VAL A 712 -6.05 13.90 -15.11
C VAL A 712 -4.68 14.18 -15.70
N ILE A 713 -3.70 14.38 -14.83
CA ILE A 713 -2.29 14.60 -15.24
C ILE A 713 -1.42 13.61 -14.47
N LEU A 714 -0.94 12.59 -15.15
CA LEU A 714 -0.05 11.58 -14.54
C LEU A 714 1.39 12.04 -14.72
N TYR A 715 1.86 12.85 -13.77
CA TYR A 715 3.22 13.42 -13.84
C TYR A 715 4.24 12.37 -13.40
N GLU A 716 4.84 11.67 -14.37
CA GLU A 716 5.84 10.60 -14.11
C GLU A 716 5.23 9.53 -13.20
N TYR A 717 4.12 8.96 -13.65
CA TYR A 717 3.38 7.92 -12.90
C TYR A 717 3.18 6.72 -13.79
N VAL A 718 3.40 5.55 -13.23
CA VAL A 718 3.24 4.26 -13.94
C VAL A 718 2.75 3.24 -12.92
N GLY A 719 2.03 2.23 -13.40
CA GLY A 719 1.45 1.23 -12.52
C GLY A 719 0.96 0.00 -13.25
N ASN A 720 -0.22 -0.47 -12.85
CA ASN A 720 -0.81 -1.72 -13.35
C ASN A 720 -1.37 -1.51 -14.76
N VAL A 721 -2.06 -2.51 -15.28
CA VAL A 721 -2.74 -2.45 -16.60
C VAL A 721 -3.47 -1.12 -16.77
N ILE A 722 -4.18 -0.64 -15.75
CA ILE A 722 -4.86 0.67 -15.79
C ILE A 722 -4.70 1.33 -14.43
N LYS A 723 -4.16 2.55 -14.39
CA LYS A 723 -4.02 3.34 -13.16
C LYS A 723 -4.89 4.60 -13.22
N MET A 724 -5.92 4.60 -14.05
CA MET A 724 -6.76 5.81 -14.26
C MET A 724 -8.21 5.54 -13.83
N ILE A 725 -8.76 4.37 -14.14
CA ILE A 725 -10.20 4.07 -13.88
C ILE A 725 -10.49 4.23 -12.38
N GLN A 726 -11.60 4.89 -12.07
CA GLN A 726 -12.04 5.10 -10.68
C GLN A 726 -13.27 4.23 -10.45
N THR A 727 -13.16 3.25 -9.56
CA THR A 727 -14.26 2.32 -9.24
C THR A 727 -15.42 3.09 -8.63
N ARG A 728 -15.16 3.88 -7.59
CA ARG A 728 -16.20 4.71 -6.93
C ARG A 728 -16.14 6.10 -7.53
N GLY A 729 -16.27 6.18 -8.85
CA GLY A 729 -16.13 7.45 -9.59
C GLY A 729 -17.21 7.62 -10.64
N ARG A 730 -18.44 7.19 -10.35
CA ARG A 730 -19.56 7.27 -11.32
C ARG A 730 -19.71 8.71 -11.83
N GLY A 731 -20.03 9.64 -10.91
CA GLY A 731 -20.23 11.07 -11.23
C GLY A 731 -21.07 11.29 -12.48
N ARG A 732 -20.45 11.80 -13.54
CA ARG A 732 -21.11 12.03 -14.85
C ARG A 732 -20.04 11.94 -15.94
N ALA A 733 -20.45 12.13 -17.19
CA ALA A 733 -19.54 12.06 -18.35
C ALA A 733 -19.79 13.25 -19.25
N ARG A 734 -18.80 14.12 -19.40
CA ARG A 734 -18.94 15.35 -20.23
C ARG A 734 -17.67 15.63 -21.03
N GLY A 735 -16.76 14.65 -21.16
CA GLY A 735 -15.49 14.80 -21.89
C GLY A 735 -14.35 15.15 -20.95
N SER A 736 -13.36 14.26 -20.85
CA SER A 736 -12.19 14.46 -19.98
C SER A 736 -10.91 14.12 -20.74
N LYS A 737 -9.77 14.45 -20.15
CA LYS A 737 -8.45 14.14 -20.72
C LYS A 737 -7.61 13.40 -19.68
N CYS A 738 -6.66 12.62 -20.16
CA CYS A 738 -5.80 11.74 -19.33
C CYS A 738 -4.33 12.03 -19.67
N PHE A 739 -3.94 13.29 -19.61
CA PHE A 739 -2.56 13.71 -19.97
C PHE A 739 -1.54 12.90 -19.17
N LEU A 740 -0.51 12.43 -19.87
CA LEU A 740 0.58 11.64 -19.27
C LEU A 740 1.90 12.35 -19.54
N LEU A 741 2.49 12.93 -18.51
CA LEU A 741 3.84 13.52 -18.60
C LEU A 741 4.87 12.49 -18.13
N THR A 742 5.98 12.41 -18.85
CA THR A 742 7.07 11.49 -18.51
C THR A 742 8.33 11.91 -19.23
N SER A 743 9.47 11.40 -18.76
CA SER A 743 10.80 11.66 -19.35
C SER A 743 11.53 10.36 -19.69
N ASN A 744 11.06 9.21 -19.22
CA ASN A 744 11.70 7.91 -19.49
C ASN A 744 10.85 7.19 -20.54
N ALA A 745 11.40 6.99 -21.74
CA ALA A 745 10.67 6.37 -22.87
C ALA A 745 10.13 4.99 -22.45
N GLY A 746 10.84 4.26 -21.59
CA GLY A 746 10.33 2.99 -21.05
C GLY A 746 8.89 3.13 -20.57
N VAL A 747 8.64 4.13 -19.73
CA VAL A 747 7.29 4.36 -19.17
C VAL A 747 6.31 4.54 -20.33
N ILE A 748 6.70 5.33 -21.34
CA ILE A 748 5.80 5.59 -22.49
C ILE A 748 5.48 4.26 -23.18
N GLU A 749 6.46 3.37 -23.29
CA GLU A 749 6.21 2.03 -23.87
C GLU A 749 5.22 1.27 -22.97
N LYS A 750 5.42 1.34 -21.65
CA LYS A 750 4.52 0.64 -20.71
C LYS A 750 3.08 1.08 -20.98
N GLU A 751 2.85 2.39 -20.98
CA GLU A 751 1.50 2.95 -21.23
C GLU A 751 1.03 2.60 -22.64
N GLN A 752 1.95 2.41 -23.59
CA GLN A 752 1.55 2.02 -24.96
C GLN A 752 1.05 0.57 -24.96
N ILE A 753 1.61 -0.28 -24.12
CA ILE A 753 1.21 -1.72 -24.13
C ILE A 753 0.02 -1.95 -23.19
N ASN A 754 -0.14 -1.13 -22.16
CA ASN A 754 -1.26 -1.30 -21.21
C ASN A 754 -2.59 -1.17 -21.95
N MET A 755 -2.72 -0.13 -22.77
CA MET A 755 -3.94 0.09 -23.59
C MET A 755 -4.14 -1.11 -24.53
N TYR A 756 -3.09 -1.81 -24.89
CA TYR A 756 -3.24 -3.07 -25.68
C TYR A 756 -3.82 -4.14 -24.77
N LYS A 757 -3.21 -4.35 -23.62
CA LYS A 757 -3.67 -5.41 -22.67
C LYS A 757 -5.15 -5.20 -22.38
N GLU A 758 -5.60 -3.96 -22.32
CA GLU A 758 -7.03 -3.66 -22.14
C GLU A 758 -7.84 -4.42 -23.19
N LYS A 759 -7.61 -4.13 -24.47
CA LYS A 759 -8.33 -4.83 -25.56
C LYS A 759 -8.11 -6.34 -25.40
N MET A 760 -6.92 -6.74 -24.97
CA MET A 760 -6.64 -8.18 -24.76
C MET A 760 -7.75 -8.76 -23.87
N MET A 761 -7.93 -8.18 -22.69
CA MET A 761 -8.96 -8.65 -21.73
C MET A 761 -10.34 -8.52 -22.39
N ASN A 762 -10.57 -7.46 -23.14
CA ASN A 762 -11.87 -7.24 -23.82
C ASN A 762 -12.18 -8.40 -24.75
N ASP A 763 -11.15 -9.05 -25.30
CA ASP A 763 -11.33 -10.23 -26.16
C ASP A 763 -11.37 -11.50 -25.32
N SER A 764 -10.62 -11.55 -24.22
CA SER A 764 -10.53 -12.75 -23.35
C SER A 764 -11.90 -13.03 -22.72
N ILE A 765 -12.48 -12.04 -22.05
CA ILE A 765 -13.80 -12.19 -21.40
C ILE A 765 -14.81 -12.59 -22.48
N LEU A 766 -14.74 -11.97 -23.66
CA LEU A 766 -15.69 -12.26 -24.75
C LEU A 766 -15.54 -13.71 -25.19
N ARG A 767 -14.31 -14.24 -25.18
CA ARG A 767 -14.08 -15.65 -25.54
C ARG A 767 -14.58 -16.55 -24.40
N LEU A 768 -14.56 -16.08 -23.17
CA LEU A 768 -14.90 -16.95 -22.01
C LEU A 768 -16.42 -17.00 -21.83
N GLN A 769 -17.14 -15.97 -22.26
CA GLN A 769 -18.60 -15.91 -22.09
C GLN A 769 -19.33 -16.79 -23.10
N THR A 770 -18.62 -17.43 -24.03
CA THR A 770 -19.26 -18.31 -25.05
C THR A 770 -19.29 -19.76 -24.56
N TRP A 771 -18.37 -20.16 -23.70
CA TRP A 771 -18.33 -21.54 -23.17
C TRP A 771 -19.56 -21.79 -22.29
N ASP A 772 -20.22 -22.92 -22.52
CA ASP A 772 -21.37 -23.33 -21.67
C ASP A 772 -20.86 -23.61 -20.25
N GLU A 773 -21.56 -23.07 -19.26
CA GLU A 773 -21.11 -23.04 -17.85
C GLU A 773 -20.64 -24.43 -17.41
N ALA A 774 -21.18 -25.50 -18.01
CA ALA A 774 -20.77 -26.88 -17.69
C ALA A 774 -19.25 -26.97 -17.83
N VAL A 775 -18.72 -26.85 -19.03
CA VAL A 775 -17.27 -27.07 -19.27
C VAL A 775 -16.49 -26.04 -18.46
N PHE A 776 -16.96 -24.80 -18.40
CA PHE A 776 -16.32 -23.78 -17.56
C PHE A 776 -16.04 -24.38 -16.18
N ARG A 777 -17.08 -24.88 -15.52
CA ARG A 777 -16.92 -25.50 -14.19
C ARG A 777 -15.94 -26.67 -14.30
N GLU A 778 -16.17 -27.56 -15.27
CA GLU A 778 -15.33 -28.78 -15.42
C GLU A 778 -13.86 -28.39 -15.50
N LYS A 779 -13.56 -27.13 -15.82
CA LYS A 779 -12.16 -26.65 -15.83
C LYS A 779 -11.82 -26.00 -14.48
N ILE A 780 -12.62 -25.05 -14.04
CA ILE A 780 -12.24 -24.19 -12.88
C ILE A 780 -12.16 -25.08 -11.62
N LEU A 781 -13.03 -26.07 -11.52
CA LEU A 781 -12.98 -27.04 -10.39
C LEU A 781 -11.59 -27.70 -10.39
N HIS A 782 -11.12 -28.16 -11.54
CA HIS A 782 -9.78 -28.77 -11.64
C HIS A 782 -8.72 -27.73 -11.27
N ILE A 783 -8.92 -26.47 -11.66
CA ILE A 783 -7.90 -25.42 -11.41
C ILE A 783 -7.77 -25.24 -9.90
N GLN A 784 -8.86 -24.86 -9.25
CA GLN A 784 -8.87 -24.64 -7.78
C GLN A 784 -8.37 -25.91 -7.08
N THR A 785 -8.77 -27.07 -7.56
CA THR A 785 -8.26 -28.35 -7.00
C THR A 785 -6.73 -28.29 -6.99
N HIS A 786 -6.13 -28.13 -8.17
CA HIS A 786 -4.65 -28.05 -8.27
C HIS A 786 -4.14 -27.01 -7.27
N GLU A 787 -4.83 -25.89 -7.16
CA GLU A 787 -4.39 -24.81 -6.24
C GLU A 787 -4.29 -25.38 -4.82
N LYS A 788 -5.37 -25.99 -4.34
CA LYS A 788 -5.37 -26.60 -2.99
C LYS A 788 -4.22 -27.61 -2.92
N PHE A 789 -4.00 -28.37 -3.98
CA PHE A 789 -2.92 -29.38 -4.01
C PHE A 789 -1.59 -28.68 -3.68
N ILE A 790 -1.33 -27.58 -4.36
CA ILE A 790 -0.07 -26.80 -4.16
C ILE A 790 -0.06 -26.31 -2.71
N ARG A 791 -1.21 -25.89 -2.20
CA ARG A 791 -1.30 -25.37 -0.82
C ARG A 791 -0.99 -26.49 0.18
N ASP A 792 -1.22 -27.75 -0.20
CA ASP A 792 -0.99 -28.89 0.70
C ASP A 792 0.45 -29.40 0.57
N SER A 793 1.02 -29.35 -0.63
CA SER A 793 2.39 -29.87 -0.89
C SER A 793 3.41 -28.85 -0.39
N GLN A 794 3.31 -27.61 -0.86
CA GLN A 794 4.23 -26.51 -0.47
C GLN A 794 3.91 -26.12 0.98
N GLU A 795 4.60 -26.72 1.94
CA GLU A 795 4.41 -26.40 3.37
C GLU A 795 5.74 -26.65 4.07
N LYS A 796 6.49 -25.56 4.29
CA LYS A 796 7.82 -25.64 4.95
C LYS A 796 7.62 -26.06 6.41
N PRO A 797 8.13 -27.23 6.84
CA PRO A 797 8.01 -27.62 8.24
C PRO A 797 8.77 -26.65 9.16
N LYS A 798 8.25 -26.49 10.38
CA LYS A 798 8.85 -25.60 11.39
C LYS A 798 10.26 -26.11 11.71
N PRO A 799 11.32 -25.34 11.40
CA PRO A 799 12.68 -25.78 11.70
C PRO A 799 12.92 -25.85 13.21
N VAL A 800 13.92 -26.63 13.59
CA VAL A 800 14.29 -26.81 15.02
C VAL A 800 14.66 -25.44 15.58
N PRO A 801 13.93 -24.92 16.59
CA PRO A 801 14.24 -23.61 17.15
C PRO A 801 15.60 -23.60 17.85
N ASP A 802 16.47 -22.67 17.46
CA ASP A 802 17.83 -22.54 18.04
C ASP A 802 17.69 -22.21 19.53
N LYS A 803 17.95 -23.17 20.39
CA LYS A 803 17.73 -23.01 21.86
C LYS A 803 19.03 -22.52 22.51
N GLU A 804 19.56 -21.40 22.04
CA GLU A 804 20.72 -20.73 22.67
C GLU A 804 20.26 -19.43 23.31
N ASN A 805 21.18 -18.68 23.90
CA ASN A 805 20.90 -17.36 24.51
C ASN A 805 21.74 -16.32 23.79
N LYS A 806 21.21 -15.78 22.70
CA LYS A 806 21.89 -14.73 21.93
C LYS A 806 21.39 -13.35 22.37
N LYS A 807 22.14 -12.32 22.03
CA LYS A 807 21.90 -10.96 22.53
C LYS A 807 21.51 -10.08 21.35
N LEU A 808 20.36 -9.43 21.44
CA LEU A 808 19.93 -8.44 20.43
C LEU A 808 20.58 -7.11 20.76
N LEU A 809 21.38 -6.61 19.82
CA LEU A 809 22.09 -5.31 20.00
C LEU A 809 21.44 -4.25 19.13
N CYS A 810 21.90 -3.01 19.29
CA CYS A 810 21.40 -1.87 18.51
C CYS A 810 21.77 -2.05 17.04
N ARG A 811 21.02 -1.39 16.17
CA ARG A 811 21.21 -1.52 14.71
C ARG A 811 22.40 -0.67 14.26
N LYS A 812 22.47 0.58 14.70
CA LYS A 812 23.51 1.53 14.23
C LYS A 812 24.56 1.79 15.30
N CYS A 813 24.32 1.44 16.55
CA CYS A 813 25.26 1.74 17.67
C CYS A 813 25.98 0.48 18.16
N LYS A 814 25.41 -0.72 17.95
CA LYS A 814 25.99 -2.01 18.42
C LYS A 814 26.08 -2.03 19.94
N ALA A 815 25.18 -1.32 20.62
CA ALA A 815 25.09 -1.38 22.09
C ALA A 815 24.25 -2.60 22.49
N LEU A 816 24.56 -3.16 23.66
CA LEU A 816 23.82 -4.34 24.17
C LEU A 816 22.41 -3.89 24.55
N ALA A 817 21.45 -4.18 23.68
CA ALA A 817 20.05 -3.74 23.88
C ALA A 817 19.36 -4.68 24.86
N CYS A 818 19.22 -5.96 24.49
CA CYS A 818 18.50 -6.92 25.32
C CYS A 818 18.98 -8.34 25.01
N TYR A 819 18.42 -9.30 25.72
CA TYR A 819 18.72 -10.73 25.52
C TYR A 819 17.47 -11.44 24.98
N THR A 820 17.71 -12.41 24.09
CA THR A 820 16.64 -13.19 23.44
C THR A 820 15.80 -13.93 24.50
N ALA A 821 16.42 -14.38 25.60
CA ALA A 821 15.69 -15.09 26.68
C ALA A 821 14.69 -14.15 27.36
N ASP A 822 14.77 -12.85 27.14
CA ASP A 822 13.82 -11.88 27.74
C ASP A 822 12.73 -11.47 26.76
N VAL A 823 12.71 -12.08 25.57
CA VAL A 823 11.69 -11.72 24.54
C VAL A 823 10.44 -12.56 24.78
N ARG A 824 9.29 -11.90 24.77
CA ARG A 824 7.99 -12.57 24.99
C ARG A 824 7.06 -12.24 23.83
N VAL A 825 6.40 -13.26 23.30
CA VAL A 825 5.47 -13.10 22.16
C VAL A 825 4.05 -12.97 22.72
N ILE A 826 3.39 -11.88 22.38
CA ILE A 826 2.04 -11.60 22.93
C ILE A 826 1.00 -12.43 22.15
N GLU A 827 0.87 -12.17 20.86
CA GLU A 827 -0.19 -12.82 20.02
C GLU A 827 0.42 -13.34 18.72
N GLU A 828 1.56 -14.02 18.83
CA GLU A 828 2.29 -14.62 17.68
C GLU A 828 2.82 -13.57 16.71
N CYS A 829 2.59 -12.28 16.92
CA CYS A 829 3.04 -11.21 16.00
C CYS A 829 3.82 -10.13 16.74
N HIS A 830 3.44 -9.80 17.98
CA HIS A 830 4.09 -8.72 18.75
C HIS A 830 5.10 -9.31 19.73
N TYR A 831 6.27 -8.69 19.81
CA TYR A 831 7.38 -9.15 20.67
C TYR A 831 7.75 -8.03 21.62
N THR A 832 7.74 -8.31 22.91
CA THR A 832 8.10 -7.34 23.98
C THR A 832 9.27 -7.90 24.78
N VAL A 833 9.80 -7.07 25.67
CA VAL A 833 10.94 -7.47 26.54
C VAL A 833 10.47 -7.41 27.98
N LEU A 834 10.31 -8.57 28.60
CA LEU A 834 9.87 -8.66 30.01
C LEU A 834 11.10 -8.69 30.92
N GLY A 835 11.69 -7.52 31.13
CA GLY A 835 12.91 -7.34 31.93
C GLY A 835 12.91 -6.00 32.63
N ASP A 836 13.85 -5.83 33.55
CA ASP A 836 14.03 -4.56 34.30
C ASP A 836 15.29 -3.83 33.84
N ALA A 837 16.30 -4.53 33.33
CA ALA A 837 17.55 -3.94 32.81
C ALA A 837 17.32 -3.30 31.44
N PHE A 838 16.23 -3.64 30.74
CA PHE A 838 15.95 -3.12 29.39
C PHE A 838 15.15 -1.82 29.46
N LYS A 839 14.39 -1.61 30.53
CA LYS A 839 13.54 -0.39 30.66
C LYS A 839 14.40 0.87 30.67
N GLU A 840 15.66 0.76 31.09
CA GLU A 840 16.60 1.92 31.12
C GLU A 840 17.42 1.98 29.84
N CYS A 841 17.19 1.09 28.89
CA CYS A 841 18.00 1.02 27.64
C CYS A 841 17.35 1.82 26.51
N PHE A 842 16.15 2.35 26.72
CA PHE A 842 15.45 3.15 25.69
C PHE A 842 14.86 4.41 26.32
N VAL A 843 14.51 5.34 25.45
CA VAL A 843 13.85 6.61 25.84
C VAL A 843 12.50 6.67 25.14
N SER A 844 11.56 7.36 25.76
CA SER A 844 10.18 7.49 25.24
C SER A 844 9.98 8.86 24.61
N ARG A 845 9.10 8.92 23.62
CA ARG A 845 8.76 10.18 22.94
C ARG A 845 7.30 10.10 22.54
N PRO A 846 6.59 11.25 22.47
CA PRO A 846 5.20 11.24 22.01
C PRO A 846 5.10 10.75 20.57
N HIS A 847 4.05 9.98 20.29
CA HIS A 847 3.82 9.40 18.95
C HIS A 847 3.09 10.42 18.09
N PRO A 848 3.47 10.59 16.81
CA PRO A 848 2.78 11.54 15.94
C PRO A 848 1.33 11.14 15.63
N LYS A 849 1.13 9.89 15.24
CA LYS A 849 -0.21 9.36 14.86
C LYS A 849 -0.53 8.17 15.75
N PRO A 850 -1.08 8.41 16.96
CA PRO A 850 -1.47 7.29 17.82
C PRO A 850 -2.75 6.61 17.33
N LYS A 851 -2.77 5.29 17.40
CA LYS A 851 -3.93 4.48 16.99
C LYS A 851 -3.93 3.16 17.77
N GLN A 852 -4.87 2.30 17.43
CA GLN A 852 -5.05 1.00 18.11
C GLN A 852 -5.36 -0.07 17.08
N PHE A 853 -4.88 -1.30 17.31
CA PHE A 853 -5.10 -2.44 16.40
C PHE A 853 -5.57 -3.65 17.23
N SER A 854 -6.84 -3.61 17.62
CA SER A 854 -7.63 -4.79 18.07
C SER A 854 -7.12 -5.38 19.39
N SER A 855 -5.93 -5.03 19.86
CA SER A 855 -5.38 -5.60 21.11
C SER A 855 -4.65 -4.55 21.93
N PHE A 856 -4.26 -3.43 21.33
CA PHE A 856 -3.34 -2.46 21.98
C PHE A 856 -3.85 -1.04 21.76
N GLU A 857 -3.01 -0.08 22.12
CA GLU A 857 -3.24 1.36 21.88
C GLU A 857 -1.88 2.04 21.83
N LYS A 858 -1.49 2.51 20.65
CA LYS A 858 -0.16 3.13 20.44
C LYS A 858 -0.06 4.40 21.30
N ARG A 859 0.74 4.35 22.34
CA ARG A 859 0.88 5.49 23.29
C ARG A 859 2.12 6.31 22.96
N ALA A 860 3.28 5.68 22.86
CA ALA A 860 4.54 6.42 22.65
C ALA A 860 5.44 5.67 21.67
N LYS A 861 6.56 6.30 21.34
CA LYS A 861 7.60 5.70 20.48
C LYS A 861 8.89 5.60 21.29
N ILE A 862 9.51 4.42 21.25
CA ILE A 862 10.75 4.16 22.03
C ILE A 862 11.94 4.20 21.08
N PHE A 863 12.93 5.01 21.43
CA PHE A 863 14.20 5.14 20.67
C PHE A 863 15.34 4.71 21.56
N CYS A 864 16.52 4.57 20.96
CA CYS A 864 17.75 4.19 21.68
C CYS A 864 18.10 5.27 22.72
N ALA A 865 18.65 4.85 23.85
CA ALA A 865 18.97 5.73 24.98
C ALA A 865 20.45 6.11 24.99
N ARG A 866 21.18 5.85 23.91
CA ARG A 866 22.62 6.18 23.85
C ARG A 866 22.82 7.69 23.71
N GLN A 867 24.09 8.10 23.71
CA GLN A 867 24.47 9.53 23.69
C GLN A 867 23.94 10.20 22.42
N ASN A 868 24.39 9.75 21.26
CA ASN A 868 24.03 10.41 19.97
C ASN A 868 23.48 9.39 18.98
N CYS A 869 23.00 8.24 19.43
CA CYS A 869 22.47 7.19 18.53
C CYS A 869 21.04 7.55 18.13
N SER A 870 20.12 7.57 19.10
CA SER A 870 18.71 7.96 18.89
C SER A 870 18.08 7.13 17.76
N HIS A 871 18.37 5.84 17.71
CA HIS A 871 17.83 4.94 16.67
C HIS A 871 16.39 4.56 17.01
N ASP A 872 15.53 4.54 16.01
CA ASP A 872 14.10 4.17 16.19
C ASP A 872 14.02 2.68 16.55
N TRP A 873 13.70 2.39 17.79
CA TRP A 873 13.61 0.99 18.28
C TRP A 873 12.22 0.42 18.06
N GLY A 874 11.18 1.12 18.47
CA GLY A 874 9.80 0.62 18.27
C GLY A 874 8.74 1.48 18.91
N ILE A 875 7.63 0.88 19.29
CA ILE A 875 6.50 1.61 19.92
C ILE A 875 6.38 1.19 21.38
N HIS A 876 5.52 1.87 22.10
CA HIS A 876 5.23 1.60 23.53
C HIS A 876 3.72 1.71 23.73
N VAL A 877 3.09 0.59 24.06
CA VAL A 877 1.60 0.52 24.14
C VAL A 877 1.21 -0.02 25.51
N LYS A 878 -0.09 -0.15 25.72
CA LYS A 878 -0.66 -0.80 26.91
C LYS A 878 -1.46 -2.01 26.45
N TYR A 879 -1.00 -3.21 26.82
CA TYR A 879 -1.59 -4.46 26.29
C TYR A 879 -3.05 -4.57 26.74
N LYS A 880 -3.28 -4.81 28.03
CA LYS A 880 -4.65 -4.79 28.61
C LYS A 880 -4.71 -3.75 29.73
N THR A 881 -3.82 -3.85 30.71
CA THR A 881 -3.71 -2.87 31.82
C THR A 881 -2.28 -2.40 32.02
N PHE A 882 -1.29 -3.21 31.68
CA PHE A 882 0.13 -2.84 31.85
C PHE A 882 0.70 -2.36 30.52
N GLU A 883 1.69 -1.49 30.61
CA GLU A 883 2.33 -0.85 29.43
C GLU A 883 3.62 -1.58 29.12
N ILE A 884 3.75 -2.06 27.89
CA ILE A 884 5.00 -2.74 27.43
C ILE A 884 5.44 -2.13 26.11
N PRO A 885 6.76 -2.16 25.82
CA PRO A 885 7.25 -1.74 24.51
C PRO A 885 7.26 -2.87 23.47
N VAL A 886 6.76 -2.56 22.29
CA VAL A 886 6.79 -3.50 21.13
C VAL A 886 7.95 -3.08 20.23
N ILE A 887 8.97 -3.92 20.16
CA ILE A 887 10.17 -3.65 19.35
C ILE A 887 10.06 -4.37 18.01
N LYS A 888 10.88 -3.97 17.05
CA LYS A 888 10.89 -4.57 15.70
C LYS A 888 12.30 -5.05 15.40
N ILE A 889 12.44 -6.34 15.11
CA ILE A 889 13.76 -6.96 14.87
C ILE A 889 14.42 -6.28 13.66
N GLU A 890 13.63 -5.67 12.78
CA GLU A 890 14.17 -4.91 11.61
C GLU A 890 15.19 -3.89 12.10
N SER A 891 14.91 -3.22 13.22
CA SER A 891 15.86 -2.28 13.85
C SER A 891 16.66 -3.00 14.92
N PHE A 892 17.24 -4.15 14.61
CA PHE A 892 18.01 -4.94 15.59
C PHE A 892 18.94 -5.88 14.86
N VAL A 893 20.07 -6.19 15.49
CA VAL A 893 21.05 -7.17 14.97
C VAL A 893 21.07 -8.36 15.92
N VAL A 894 21.50 -9.51 15.41
CA VAL A 894 21.47 -10.77 16.19
C VAL A 894 22.89 -11.32 16.27
N GLU A 895 23.55 -11.10 17.39
CA GLU A 895 24.92 -11.62 17.63
C GLU A 895 24.84 -12.78 18.60
N ASP A 896 25.44 -13.90 18.23
CA ASP A 896 25.52 -15.09 19.12
C ASP A 896 26.75 -14.97 20.00
N ILE A 897 26.68 -15.56 21.19
CA ILE A 897 27.81 -15.54 22.14
C ILE A 897 28.71 -16.76 21.90
N ALA A 898 28.14 -17.88 21.43
CA ALA A 898 28.91 -19.12 21.20
C ALA A 898 29.82 -18.93 19.97
N THR A 899 29.25 -18.67 18.81
CA THR A 899 30.02 -18.56 17.55
C THR A 899 30.58 -17.14 17.44
N GLY A 900 29.70 -16.15 17.45
CA GLY A 900 30.06 -14.73 17.32
C GLY A 900 29.59 -14.11 16.02
N VAL A 901 29.23 -14.91 15.01
CA VAL A 901 28.73 -14.38 13.72
C VAL A 901 27.40 -13.66 13.94
N GLN A 902 27.22 -12.53 13.26
CA GLN A 902 25.98 -11.73 13.37
C GLN A 902 25.09 -12.00 12.16
N THR A 903 23.81 -11.76 12.33
CA THR A 903 22.79 -11.95 11.27
C THR A 903 21.85 -10.76 11.26
N LEU A 904 21.26 -10.49 10.10
CA LEU A 904 20.30 -9.38 9.92
C LEU A 904 18.97 -9.94 9.44
N TYR A 905 17.92 -9.75 10.23
CA TYR A 905 16.56 -10.21 9.89
C TYR A 905 15.68 -8.99 9.63
N SER A 906 14.78 -9.11 8.66
CA SER A 906 13.85 -8.02 8.25
C SER A 906 12.50 -8.19 8.95
N LYS A 907 12.06 -9.43 9.17
CA LYS A 907 10.77 -9.71 9.83
C LYS A 907 11.00 -10.69 10.98
N TRP A 908 10.02 -10.77 11.86
CA TRP A 908 10.09 -11.68 13.03
C TRP A 908 9.89 -13.12 12.59
N LYS A 909 9.09 -13.37 11.57
CA LYS A 909 8.81 -14.74 11.07
C LYS A 909 10.11 -15.40 10.61
N ASP A 910 11.04 -14.60 10.08
CA ASP A 910 12.35 -15.12 9.61
C ASP A 910 13.24 -15.45 10.81
N PHE A 911 12.92 -14.95 12.00
CA PHE A 911 13.76 -15.21 13.21
C PHE A 911 13.28 -16.51 13.85
N HIS A 912 14.11 -17.53 13.79
CA HIS A 912 13.79 -18.87 14.37
C HIS A 912 14.51 -19.00 15.70
N PHE A 913 13.75 -18.99 16.78
CA PHE A 913 14.29 -19.12 18.16
C PHE A 913 13.19 -19.59 19.09
N GLU A 914 13.50 -19.66 20.38
CA GLU A 914 12.53 -20.07 21.42
C GLU A 914 11.52 -18.93 21.63
N LYS A 915 10.39 -18.98 20.93
CA LYS A 915 9.35 -17.95 21.04
C LYS A 915 8.51 -18.25 22.28
N ILE A 916 8.94 -17.74 23.43
CA ILE A 916 8.21 -17.95 24.70
C ILE A 916 6.98 -17.03 24.68
N PRO A 917 5.77 -17.57 24.92
CA PRO A 917 4.59 -16.73 24.97
C PRO A 917 4.62 -15.72 26.13
N PHE A 918 3.93 -14.61 25.94
CA PHE A 918 3.85 -13.53 26.94
C PHE A 918 2.95 -13.98 28.08
N ASP A 919 3.53 -14.32 29.22
CA ASP A 919 2.75 -14.76 30.40
C ASP A 919 2.42 -13.55 31.26
N PRO A 920 1.14 -13.19 31.44
CA PRO A 920 0.78 -12.05 32.29
C PRO A 920 1.13 -12.20 33.78
N ALA A 921 1.49 -13.41 34.23
CA ALA A 921 1.87 -13.70 35.63
C ALA A 921 3.14 -12.91 36.00
N GLU A 922 4.07 -12.75 35.07
CA GLU A 922 5.36 -12.08 35.35
C GLU A 922 5.39 -10.75 34.59
#